data_1GLB
#
_entry.id   1GLB
#
_cell.length_a   123.700
_cell.length_b   124.900
_cell.length_c   134.200
_cell.angle_alpha   90.00
_cell.angle_beta   90.00
_cell.angle_gamma   90.00
#
_symmetry.space_group_name_H-M   'I 2 2 2'
#
loop_
_entity.id
_entity.type
_entity.pdbx_description
1 polymer 'GLUCOSE-SPECIFIC PROTEIN IIIGlc'
2 polymer 'GLYCEROL KINASE'
3 non-polymer "ADENOSINE-5'-DIPHOSPHATE"
4 non-polymer GLYCEROL
#
loop_
_entity_poly.entity_id
_entity_poly.type
_entity_poly.pdbx_seq_one_letter_code
_entity_poly.pdbx_strand_id
1 'polypeptide(L)'
;GLFDKLKSLVSDDKKDTGTIEIIAPLSGEIVNIEDVPDVVFAEKIVGDGIAIKPTGNKMVAPVDGTIGKIFETNHAFSIE
SDSGVELFVHFGIDTVELKGEGFKRIAEEGQRVKVGDTVIEFDLPLLEEKAKSTLTPVVISNMDEIKELIKLSGSVTVGE
TPVIRIKK
;
F
2 'polypeptide(L)'
;TEKKYIVALDQGTTSSRAVVMDHDANIISVSQREFEQIYPKPGWVEHDPMEIWATQSSTLVEVLAKADISSDQIAAIGIT
NQRETTIVWEKETGKPIYNAIVWQCRRTAEICEHLKRDGLEDYIRSNTGLVIDPYFSGTKVKWILDHVEGSRERARRGEL
LFGTVDTWLIWKMTQGRVHVTDYTNASRTMLFNIHTLDWDDKMLEVLDIPREMLPEVRRSSEVYGQTNIGGKGGTRIPIS
GIAGDQQAALFGQLCVKEGMAKNTYGTGCFMLMNTGEKAVKSENGLLTTIACGPTGEVNYALEGAVFMAGASIQWLRDEM
KLINDAYDSEYFATKVQNTNGVYVVPAFTGLGAPYWDPYARGAIFGLTRGVNANHIIRATLESIAYQTRDVLEAMQADSG
IRLHALRVDGGAVANNFLMQFQSDILGTRVERPEVREVTALGAAYLAGLAVGFWQNLDELQEKAVIEREFRPGIETTERN
YRYAGWKKAVKRAMAWEEHDE
;
G
#
# COMPACT_ATOMS: atom_id res chain seq x y z
N GLY A 1 -51.49 18.68 -16.19
CA GLY A 1 -51.18 17.60 -17.10
C GLY A 1 -49.69 17.50 -17.30
N LEU A 2 -49.22 17.09 -18.48
CA LEU A 2 -47.79 17.06 -18.77
C LEU A 2 -47.67 17.62 -20.16
N PHE A 3 -46.57 18.33 -20.37
CA PHE A 3 -46.44 19.09 -21.61
C PHE A 3 -45.51 18.62 -22.71
N ASP A 4 -44.91 17.41 -22.75
CA ASP A 4 -43.97 17.10 -23.84
C ASP A 4 -44.54 16.90 -25.25
N LYS A 5 -45.79 16.50 -25.46
CA LYS A 5 -46.32 16.44 -26.83
C LYS A 5 -46.42 17.83 -27.49
N LEU A 6 -46.35 18.87 -26.65
CA LEU A 6 -46.40 20.25 -27.09
C LEU A 6 -45.05 20.82 -27.49
N LYS A 7 -45.00 21.46 -28.67
CA LYS A 7 -43.79 22.15 -29.12
C LYS A 7 -43.42 23.27 -28.17
N SER A 8 -42.12 23.31 -27.88
CA SER A 8 -41.62 24.32 -26.98
C SER A 8 -41.05 25.50 -27.72
N LEU A 9 -41.06 26.60 -26.98
CA LEU A 9 -40.40 27.83 -27.38
C LEU A 9 -38.93 27.46 -27.36
N VAL A 10 -38.36 27.57 -28.55
CA VAL A 10 -37.04 27.03 -28.80
C VAL A 10 -35.83 27.97 -29.01
N SER A 11 -34.84 27.65 -28.15
CA SER A 11 -33.47 28.19 -28.14
C SER A 11 -33.22 29.68 -27.94
N ASP A 12 -32.72 30.01 -26.86
N THR A 19 -16.16 29.32 -28.90
CA THR A 19 -16.72 29.35 -27.55
C THR A 19 -17.92 28.42 -27.44
N ILE A 20 -17.80 27.48 -26.51
CA ILE A 20 -18.80 26.43 -26.29
C ILE A 20 -19.61 26.64 -25.01
N GLU A 21 -20.93 26.43 -25.10
CA GLU A 21 -21.76 26.49 -23.92
C GLU A 21 -22.14 25.11 -23.46
N ILE A 22 -22.43 25.09 -22.17
CA ILE A 22 -22.84 23.90 -21.48
C ILE A 22 -24.15 24.40 -20.88
N ILE A 23 -25.22 23.80 -21.43
CA ILE A 23 -26.58 24.10 -21.06
C ILE A 23 -26.88 23.24 -19.85
N ALA A 24 -27.63 23.80 -18.91
CA ALA A 24 -28.06 23.17 -17.67
C ALA A 24 -28.62 21.77 -17.78
N PRO A 25 -27.94 20.76 -17.21
CA PRO A 25 -28.49 19.42 -17.06
C PRO A 25 -29.74 19.39 -16.16
N LEU A 26 -29.89 20.39 -15.29
CA LEU A 26 -31.01 20.46 -14.37
C LEU A 26 -31.46 21.90 -14.08
N SER A 27 -32.68 22.03 -13.54
CA SER A 27 -33.21 23.35 -13.25
C SER A 27 -32.97 23.55 -11.78
N GLY A 28 -32.54 24.76 -11.46
CA GLY A 28 -32.29 25.07 -10.07
C GLY A 28 -31.40 26.28 -9.93
N GLU A 29 -30.86 26.41 -8.72
CA GLU A 29 -29.97 27.51 -8.46
C GLU A 29 -28.56 26.97 -8.55
N ILE A 30 -27.64 27.79 -9.06
CA ILE A 30 -26.23 27.44 -9.03
C ILE A 30 -25.69 27.65 -7.60
N VAL A 31 -24.75 26.76 -7.33
CA VAL A 31 -24.01 26.70 -6.09
C VAL A 31 -22.58 26.55 -6.58
N ASN A 32 -21.61 26.98 -5.76
CA ASN A 32 -20.20 26.79 -6.09
C ASN A 32 -19.80 25.33 -5.98
N ILE A 33 -18.90 24.85 -6.88
CA ILE A 33 -18.43 23.46 -6.81
C ILE A 33 -17.72 23.29 -5.49
N GLU A 34 -16.91 24.27 -5.05
CA GLU A 34 -16.29 24.16 -3.72
C GLU A 34 -17.26 24.29 -2.56
N ASP A 35 -18.55 24.51 -2.74
CA ASP A 35 -19.51 24.47 -1.63
C ASP A 35 -20.27 23.15 -1.61
N VAL A 36 -19.76 22.16 -2.34
CA VAL A 36 -20.35 20.83 -2.29
C VAL A 36 -19.57 20.05 -1.21
N PRO A 37 -20.22 19.36 -0.26
CA PRO A 37 -19.60 18.57 0.78
C PRO A 37 -19.09 17.23 0.32
N ASP A 38 -18.04 17.23 -0.52
CA ASP A 38 -17.36 16.04 -0.97
C ASP A 38 -16.20 16.62 -1.73
N VAL A 39 -15.11 16.35 -1.03
CA VAL A 39 -13.74 16.76 -1.31
C VAL A 39 -13.21 16.59 -2.74
N VAL A 40 -13.65 15.59 -3.53
CA VAL A 40 -13.13 15.46 -4.90
C VAL A 40 -13.80 16.41 -5.89
N PHE A 41 -14.95 16.97 -5.45
CA PHE A 41 -15.68 17.95 -6.19
C PHE A 41 -15.26 19.29 -5.61
N ALA A 42 -15.42 19.51 -4.31
CA ALA A 42 -14.99 20.74 -3.65
C ALA A 42 -13.57 21.24 -3.94
N GLU A 43 -12.65 20.33 -4.31
CA GLU A 43 -11.27 20.65 -4.63
C GLU A 43 -10.85 20.24 -6.04
N LYS A 44 -11.83 20.03 -6.91
CA LYS A 44 -11.62 19.75 -8.32
C LYS A 44 -10.74 18.61 -8.76
N ILE A 45 -10.67 17.56 -7.91
CA ILE A 45 -9.83 16.37 -8.15
C ILE A 45 -10.33 15.62 -9.35
N VAL A 46 -11.66 15.41 -9.40
CA VAL A 46 -12.22 14.69 -10.56
C VAL A 46 -12.55 15.61 -11.72
N GLY A 47 -12.66 16.90 -11.40
CA GLY A 47 -12.81 17.92 -12.43
C GLY A 47 -13.22 19.24 -11.84
N ASP A 48 -13.38 20.20 -12.72
CA ASP A 48 -13.87 21.50 -12.29
C ASP A 48 -15.15 21.87 -13.03
N GLY A 49 -16.01 22.62 -12.35
CA GLY A 49 -17.24 23.07 -12.99
C GLY A 49 -18.14 23.64 -11.93
N ILE A 50 -19.42 23.31 -11.87
CA ILE A 50 -20.27 23.89 -10.82
C ILE A 50 -21.26 22.89 -10.28
N ALA A 51 -22.00 23.14 -9.20
CA ALA A 51 -23.10 22.25 -8.82
C ALA A 51 -24.45 22.93 -9.06
N ILE A 52 -25.54 22.18 -9.02
CA ILE A 52 -26.88 22.74 -9.18
C ILE A 52 -27.74 22.16 -8.09
N LYS A 53 -28.30 23.03 -7.25
CA LYS A 53 -29.30 22.64 -6.26
C LYS A 53 -30.62 22.43 -7.00
N PRO A 54 -31.10 21.19 -7.28
CA PRO A 54 -32.15 20.95 -8.25
C PRO A 54 -33.52 21.36 -7.76
N THR A 55 -34.40 21.68 -8.70
CA THR A 55 -35.75 22.06 -8.28
C THR A 55 -36.81 21.18 -8.92
N GLY A 56 -36.55 20.47 -10.03
CA GLY A 56 -37.57 19.62 -10.64
C GLY A 56 -37.14 18.39 -11.47
N ASN A 57 -37.90 17.32 -11.18
CA ASN A 57 -37.78 15.96 -11.70
C ASN A 57 -37.03 15.41 -12.94
N LYS A 58 -36.25 16.10 -13.80
CA LYS A 58 -35.41 15.39 -14.80
C LYS A 58 -34.05 16.04 -15.10
N MET A 59 -33.08 15.19 -15.43
CA MET A 59 -31.73 15.55 -15.86
C MET A 59 -31.69 15.29 -17.36
N VAL A 60 -31.04 16.24 -18.05
CA VAL A 60 -31.04 16.36 -19.50
C VAL A 60 -29.66 16.25 -20.13
N ALA A 61 -29.51 16.08 -21.45
CA ALA A 61 -28.18 16.06 -22.07
C ALA A 61 -27.62 17.48 -22.17
N PRO A 62 -26.45 17.81 -21.61
CA PRO A 62 -26.02 19.17 -21.32
C PRO A 62 -25.39 19.87 -22.51
N VAL A 63 -24.98 19.03 -23.47
CA VAL A 63 -24.35 19.39 -24.73
C VAL A 63 -24.84 18.42 -25.81
N ASP A 64 -24.32 18.51 -27.04
CA ASP A 64 -24.71 17.61 -28.11
C ASP A 64 -23.61 16.58 -28.21
N GLY A 65 -23.91 15.31 -27.96
CA GLY A 65 -22.84 14.32 -28.05
C GLY A 65 -23.36 12.91 -27.86
N THR A 66 -22.54 12.10 -27.20
CA THR A 66 -22.88 10.70 -26.99
C THR A 66 -22.78 10.40 -25.52
N ILE A 67 -23.76 9.67 -24.99
CA ILE A 67 -23.74 9.31 -23.59
C ILE A 67 -22.63 8.26 -23.46
N GLY A 68 -22.01 8.17 -22.30
CA GLY A 68 -20.88 7.29 -22.14
C GLY A 68 -21.31 6.24 -21.17
N LYS A 69 -21.33 6.66 -19.91
CA LYS A 69 -21.71 5.77 -18.85
C LYS A 69 -22.86 6.33 -18.04
N ILE A 70 -23.95 5.56 -17.97
CA ILE A 70 -24.94 5.90 -16.96
C ILE A 70 -24.49 4.85 -15.95
N PHE A 71 -24.39 5.24 -14.69
CA PHE A 71 -24.05 4.28 -13.66
C PHE A 71 -25.23 3.31 -13.44
N GLU A 72 -25.11 2.12 -12.84
CA GLU A 72 -26.28 1.24 -12.72
C GLU A 72 -27.29 1.71 -11.68
N THR A 73 -26.89 2.61 -10.79
CA THR A 73 -27.83 3.23 -9.87
C THR A 73 -28.51 4.45 -10.51
N ASN A 74 -28.16 4.78 -11.76
CA ASN A 74 -28.84 5.79 -12.58
C ASN A 74 -28.89 7.20 -12.01
N HIS A 75 -27.89 7.52 -11.21
CA HIS A 75 -27.82 8.80 -10.52
C HIS A 75 -26.81 9.67 -11.23
N ALA A 76 -26.05 9.12 -12.19
CA ALA A 76 -25.03 9.90 -12.84
C ALA A 76 -24.66 9.40 -14.20
N PHE A 77 -24.35 10.32 -15.10
CA PHE A 77 -23.92 9.92 -16.42
C PHE A 77 -22.73 10.76 -16.89
N SER A 78 -22.01 10.23 -17.88
CA SER A 78 -20.91 10.97 -18.48
C SER A 78 -21.18 11.17 -19.96
N ILE A 79 -20.86 12.31 -20.56
CA ILE A 79 -21.12 12.48 -21.99
C ILE A 79 -19.95 13.23 -22.61
N GLU A 80 -19.78 13.11 -23.93
CA GLU A 80 -18.67 13.74 -24.61
C GLU A 80 -19.12 14.59 -25.81
N SER A 81 -19.17 15.92 -25.69
CA SER A 81 -19.54 16.81 -26.80
C SER A 81 -18.69 16.64 -28.07
N ASP A 82 -19.20 16.78 -29.30
CA ASP A 82 -18.40 16.64 -30.53
C ASP A 82 -17.31 17.70 -30.61
N SER A 83 -17.40 18.68 -29.71
CA SER A 83 -16.37 19.66 -29.58
C SER A 83 -15.39 19.22 -28.48
N GLY A 84 -15.20 17.88 -28.40
CA GLY A 84 -14.29 17.18 -27.51
C GLY A 84 -14.32 17.49 -26.02
N VAL A 85 -15.46 17.61 -25.34
CA VAL A 85 -15.45 17.91 -23.91
C VAL A 85 -16.14 16.78 -23.15
N GLU A 86 -15.52 16.24 -22.10
CA GLU A 86 -16.17 15.23 -21.29
C GLU A 86 -16.77 15.88 -20.05
N LEU A 87 -18.12 15.91 -19.98
CA LEU A 87 -18.77 16.47 -18.81
C LEU A 87 -19.27 15.30 -17.99
N PHE A 88 -19.42 15.49 -16.68
CA PHE A 88 -19.89 14.42 -15.81
C PHE A 88 -20.90 15.01 -14.85
N VAL A 89 -22.10 14.44 -14.89
CA VAL A 89 -23.20 14.94 -14.06
C VAL A 89 -23.55 13.90 -13.06
N HIS A 90 -23.62 14.29 -11.80
CA HIS A 90 -23.82 13.33 -10.75
C HIS A 90 -24.78 13.86 -9.71
N PHE A 91 -26.01 13.35 -9.68
CA PHE A 91 -26.97 13.82 -8.72
C PHE A 91 -26.50 13.49 -7.31
N GLY A 92 -26.47 14.57 -6.51
CA GLY A 92 -26.18 14.53 -5.08
C GLY A 92 -24.78 14.02 -4.76
N ILE A 93 -24.59 13.60 -3.50
CA ILE A 93 -23.35 12.97 -3.09
C ILE A 93 -23.64 11.71 -2.26
N ASP A 94 -22.76 10.72 -2.49
CA ASP A 94 -22.83 9.35 -1.97
C ASP A 94 -24.22 8.75 -2.15
N THR A 95 -24.60 8.83 -3.42
CA THR A 95 -25.94 8.49 -3.85
C THR A 95 -26.01 7.04 -4.26
N VAL A 96 -24.88 6.31 -4.47
CA VAL A 96 -24.96 4.89 -4.84
C VAL A 96 -25.55 4.08 -3.71
N GLU A 97 -25.65 4.65 -2.51
CA GLU A 97 -26.21 3.96 -1.39
C GLU A 97 -27.70 3.71 -1.53
N LEU A 98 -28.40 4.67 -2.16
CA LEU A 98 -29.82 4.55 -2.41
C LEU A 98 -30.13 3.41 -3.37
N LYS A 99 -29.11 2.77 -3.97
CA LYS A 99 -29.29 1.66 -4.89
C LYS A 99 -30.26 1.97 -6.03
N GLY A 100 -30.21 3.24 -6.51
CA GLY A 100 -31.01 3.74 -7.64
C GLY A 100 -32.49 3.98 -7.32
N GLU A 101 -32.80 4.43 -6.12
CA GLU A 101 -34.16 4.44 -5.68
C GLU A 101 -34.62 5.87 -5.60
N GLY A 102 -35.11 6.21 -6.80
CA GLY A 102 -35.65 7.53 -7.07
C GLY A 102 -35.30 7.94 -8.48
N PHE A 103 -34.49 7.14 -9.15
CA PHE A 103 -34.07 7.39 -10.51
C PHE A 103 -34.82 6.50 -11.49
N LYS A 104 -34.73 6.74 -12.81
CA LYS A 104 -35.36 5.89 -13.79
C LYS A 104 -34.58 6.21 -15.02
N ARG A 105 -33.76 5.28 -15.46
CA ARG A 105 -32.92 5.47 -16.65
C ARG A 105 -33.80 5.61 -17.90
N ILE A 106 -33.66 6.75 -18.59
CA ILE A 106 -34.39 7.01 -19.82
C ILE A 106 -33.49 6.67 -20.99
N ALA A 107 -32.16 6.73 -20.90
CA ALA A 107 -31.34 6.41 -22.07
C ALA A 107 -30.29 5.32 -21.89
N GLU A 108 -29.69 4.92 -23.00
CA GLU A 108 -28.69 3.85 -23.03
C GLU A 108 -27.26 4.37 -23.22
N GLU A 109 -26.28 3.62 -22.68
CA GLU A 109 -24.90 4.04 -22.69
C GLU A 109 -24.27 4.46 -24.01
N GLY A 110 -24.38 3.85 -25.18
CA GLY A 110 -23.72 4.44 -26.35
C GLY A 110 -24.53 5.54 -27.06
N GLN A 111 -25.54 6.13 -26.41
CA GLN A 111 -26.50 6.98 -27.12
C GLN A 111 -26.21 8.40 -27.58
N ARG A 112 -26.28 8.54 -28.90
CA ARG A 112 -26.14 9.83 -29.57
C ARG A 112 -27.30 10.71 -29.09
N VAL A 113 -27.06 11.99 -28.81
CA VAL A 113 -28.07 12.90 -28.24
C VAL A 113 -27.80 14.34 -28.62
N LYS A 114 -28.82 15.14 -28.35
CA LYS A 114 -28.75 16.57 -28.56
C LYS A 114 -29.06 17.24 -27.24
N VAL A 115 -28.72 18.54 -27.12
CA VAL A 115 -29.01 19.33 -25.92
C VAL A 115 -30.47 19.28 -25.50
N GLY A 116 -30.77 18.93 -24.26
CA GLY A 116 -32.17 18.86 -23.84
C GLY A 116 -32.81 17.48 -23.88
N ASP A 117 -32.25 16.50 -24.61
CA ASP A 117 -32.75 15.13 -24.62
C ASP A 117 -32.59 14.46 -23.26
N THR A 118 -33.69 14.04 -22.63
CA THR A 118 -33.72 13.39 -21.33
C THR A 118 -32.89 12.12 -21.24
N VAL A 119 -32.18 12.04 -20.12
CA VAL A 119 -31.32 10.92 -19.86
C VAL A 119 -31.69 10.23 -18.55
N ILE A 120 -32.09 10.93 -17.49
CA ILE A 120 -32.45 10.26 -16.24
C ILE A 120 -33.58 11.09 -15.67
N GLU A 121 -34.69 10.47 -15.22
CA GLU A 121 -35.73 11.20 -14.50
C GLU A 121 -35.61 10.88 -13.02
N PHE A 122 -35.86 11.88 -12.18
CA PHE A 122 -35.78 11.63 -10.77
C PHE A 122 -37.03 12.04 -9.98
N ASP A 123 -36.95 11.86 -8.67
CA ASP A 123 -38.07 12.08 -7.78
C ASP A 123 -37.53 12.89 -6.61
N LEU A 124 -37.36 14.20 -6.84
CA LEU A 124 -36.83 15.10 -5.83
C LEU A 124 -37.53 15.06 -4.47
N PRO A 125 -38.84 14.81 -4.27
CA PRO A 125 -39.41 14.65 -2.94
C PRO A 125 -38.82 13.50 -2.15
N LEU A 126 -38.58 12.34 -2.76
CA LEU A 126 -37.96 11.19 -2.08
C LEU A 126 -36.46 11.40 -1.81
N LEU A 127 -35.75 11.96 -2.81
CA LEU A 127 -34.34 12.27 -2.73
C LEU A 127 -33.99 13.38 -1.77
N GLU A 128 -34.89 14.32 -1.47
CA GLU A 128 -34.56 15.37 -0.52
C GLU A 128 -34.57 14.74 0.89
N GLU A 129 -35.59 13.89 1.02
CA GLU A 129 -35.90 13.09 2.19
C GLU A 129 -34.86 12.02 2.52
N LYS A 130 -34.10 11.53 1.53
CA LYS A 130 -33.16 10.45 1.75
C LYS A 130 -31.70 10.65 1.42
N ALA A 131 -31.32 11.44 0.42
CA ALA A 131 -29.92 11.63 0.10
C ALA A 131 -29.23 12.48 1.17
N LYS A 132 -27.90 12.33 1.24
CA LYS A 132 -27.05 13.10 2.14
C LYS A 132 -27.06 14.55 1.73
N SER A 133 -27.03 14.71 0.41
CA SER A 133 -27.06 16.01 -0.24
C SER A 133 -27.72 15.82 -1.60
N THR A 134 -28.38 16.87 -2.05
CA THR A 134 -29.08 16.81 -3.33
C THR A 134 -28.38 17.63 -4.40
N LEU A 135 -27.39 18.48 -4.04
CA LEU A 135 -26.63 19.31 -4.97
C LEU A 135 -26.00 18.51 -6.11
N THR A 136 -26.02 18.98 -7.36
CA THR A 136 -25.64 18.11 -8.46
C THR A 136 -24.49 18.62 -9.30
N PRO A 137 -23.27 18.16 -8.99
CA PRO A 137 -22.05 18.57 -9.68
C PRO A 137 -22.02 18.32 -11.17
N VAL A 138 -21.48 19.26 -11.93
CA VAL A 138 -21.33 19.09 -13.37
C VAL A 138 -19.97 19.70 -13.65
N VAL A 139 -19.05 18.77 -13.94
CA VAL A 139 -17.65 19.11 -14.11
C VAL A 139 -17.15 18.64 -15.45
N ILE A 140 -16.05 19.26 -15.86
CA ILE A 140 -15.35 18.92 -17.09
C ILE A 140 -14.25 18.05 -16.48
N SER A 141 -14.28 16.81 -16.93
CA SER A 141 -13.38 15.80 -16.45
C SER A 141 -12.23 15.59 -17.43
N ASN A 142 -11.97 16.58 -18.31
CA ASN A 142 -10.82 16.53 -19.20
C ASN A 142 -10.24 17.93 -19.26
N MET A 143 -10.18 18.53 -18.07
CA MET A 143 -9.63 19.86 -17.89
C MET A 143 -8.26 20.09 -18.53
N ASP A 144 -7.42 19.05 -18.60
CA ASP A 144 -6.10 19.13 -19.22
C ASP A 144 -6.23 19.68 -20.63
N GLU A 145 -7.22 19.15 -21.37
CA GLU A 145 -7.43 19.63 -22.72
C GLU A 145 -8.00 21.03 -22.86
N ILE A 146 -8.47 21.76 -21.82
CA ILE A 146 -9.06 23.08 -22.07
C ILE A 146 -8.40 24.37 -21.57
N LYS A 147 -8.42 25.37 -22.47
CA LYS A 147 -7.85 26.70 -22.19
C LYS A 147 -8.57 27.53 -21.13
N GLU A 148 -9.74 28.14 -21.40
CA GLU A 148 -10.38 29.01 -20.41
C GLU A 148 -11.79 28.60 -20.02
N LEU A 149 -12.10 28.79 -18.73
CA LEU A 149 -13.38 28.40 -18.18
C LEU A 149 -14.13 29.49 -17.42
N ILE A 150 -15.27 29.91 -17.98
CA ILE A 150 -16.12 30.91 -17.36
C ILE A 150 -17.42 30.27 -16.92
N LYS A 151 -17.62 30.43 -15.60
CA LYS A 151 -18.75 29.92 -14.87
C LYS A 151 -19.84 30.99 -14.73
N LEU A 152 -21.11 30.62 -14.96
CA LEU A 152 -22.21 31.59 -14.93
C LEU A 152 -22.94 31.48 -13.61
N SER A 153 -24.08 32.16 -13.38
CA SER A 153 -24.64 32.23 -12.04
C SER A 153 -26.16 32.27 -11.95
N GLY A 154 -26.72 32.27 -10.74
CA GLY A 154 -28.16 32.48 -10.54
C GLY A 154 -29.10 31.32 -10.84
N SER A 155 -30.24 31.64 -11.45
CA SER A 155 -31.21 30.61 -11.79
C SER A 155 -30.99 30.09 -13.19
N VAL A 156 -31.25 28.79 -13.25
CA VAL A 156 -31.17 28.06 -14.48
C VAL A 156 -32.43 27.18 -14.57
N THR A 157 -32.74 26.81 -15.83
CA THR A 157 -33.86 25.96 -16.13
C THR A 157 -33.29 24.90 -17.07
N VAL A 158 -33.73 23.66 -16.84
CA VAL A 158 -33.27 22.46 -17.51
C VAL A 158 -33.29 22.56 -19.00
N GLY A 159 -32.20 22.40 -19.74
CA GLY A 159 -32.22 22.43 -21.19
C GLY A 159 -32.36 23.82 -21.81
N GLU A 160 -32.43 24.88 -21.00
CA GLU A 160 -32.55 26.22 -21.56
C GLU A 160 -31.37 27.12 -21.24
N THR A 161 -31.18 27.41 -19.95
CA THR A 161 -30.17 28.32 -19.44
C THR A 161 -28.73 27.77 -19.47
N PRO A 162 -27.70 28.48 -19.97
CA PRO A 162 -26.28 28.12 -19.85
C PRO A 162 -25.70 28.22 -18.45
N VAL A 163 -24.66 27.42 -18.18
CA VAL A 163 -23.98 27.37 -16.88
C VAL A 163 -22.48 27.56 -17.00
N ILE A 164 -21.88 27.13 -18.11
CA ILE A 164 -20.46 27.13 -18.32
C ILE A 164 -20.22 27.38 -19.79
N ARG A 165 -19.20 28.22 -19.99
CA ARG A 165 -18.65 28.58 -21.28
C ARG A 165 -17.21 28.13 -21.25
N ILE A 166 -16.80 27.29 -22.19
CA ILE A 166 -15.42 26.85 -22.28
C ILE A 166 -14.86 27.42 -23.58
N LYS A 167 -13.55 27.60 -23.66
CA LYS A 167 -12.94 28.01 -24.92
C LYS A 167 -11.79 27.04 -25.17
N LYS A 168 -11.92 26.30 -26.28
CA LYS A 168 -10.92 25.32 -26.74
C LYS A 168 -9.94 25.95 -27.76
N LYS B 4 32.81 0.82 -12.17
CA LYS B 4 32.47 -0.33 -11.36
C LYS B 4 30.98 -0.42 -10.97
N TYR B 5 30.65 -1.48 -10.22
CA TYR B 5 29.30 -1.81 -9.81
C TYR B 5 29.13 -1.97 -8.31
N ILE B 6 27.86 -2.02 -7.88
CA ILE B 6 27.49 -2.30 -6.50
C ILE B 6 26.44 -3.39 -6.67
N VAL B 7 26.53 -4.33 -5.72
CA VAL B 7 25.62 -5.45 -5.71
C VAL B 7 24.64 -5.27 -4.57
N ALA B 8 23.42 -5.73 -4.80
CA ALA B 8 22.36 -5.66 -3.80
C ALA B 8 21.75 -7.03 -3.57
N LEU B 9 21.74 -7.44 -2.32
CA LEU B 9 21.03 -8.62 -1.94
C LEU B 9 19.72 -8.16 -1.28
N ASP B 10 18.64 -8.65 -1.87
CA ASP B 10 17.33 -8.30 -1.41
C ASP B 10 16.62 -9.61 -1.22
N GLN B 11 16.52 -10.00 0.04
CA GLN B 11 15.95 -11.28 0.42
C GLN B 11 14.54 -11.06 0.98
N GLY B 12 13.59 -11.35 0.07
CA GLY B 12 12.17 -11.20 0.34
C GLY B 12 11.53 -12.30 1.17
N THR B 13 10.24 -12.06 1.56
CA THR B 13 9.49 -13.07 2.29
C THR B 13 9.22 -14.28 1.39
N THR B 14 9.00 -14.03 0.10
CA THR B 14 8.78 -15.11 -0.86
C THR B 14 9.93 -15.40 -1.84
N SER B 15 10.66 -14.35 -2.28
CA SER B 15 11.77 -14.48 -3.22
C SER B 15 13.11 -14.01 -2.65
N SER B 16 14.18 -14.38 -3.37
CA SER B 16 15.54 -13.96 -3.10
C SER B 16 16.05 -13.37 -4.39
N ARG B 17 16.36 -12.10 -4.36
CA ARG B 17 16.82 -11.45 -5.54
C ARG B 17 18.10 -10.65 -5.30
N ALA B 18 19.03 -10.80 -6.27
CA ALA B 18 20.29 -10.07 -6.33
C ALA B 18 20.22 -9.12 -7.51
N VAL B 19 20.70 -7.89 -7.40
CA VAL B 19 20.67 -6.96 -8.53
C VAL B 19 21.92 -6.08 -8.55
N VAL B 20 22.42 -5.91 -9.79
CA VAL B 20 23.65 -5.16 -10.08
C VAL B 20 23.40 -3.73 -10.58
N MET B 21 24.20 -2.78 -10.09
CA MET B 21 24.08 -1.39 -10.51
C MET B 21 25.39 -0.84 -11.00
N ASP B 22 25.36 0.01 -12.02
CA ASP B 22 26.57 0.68 -12.47
C ASP B 22 26.75 1.99 -11.71
N HIS B 23 27.71 2.87 -12.10
CA HIS B 23 27.86 4.12 -11.40
C HIS B 23 26.71 5.09 -11.62
N ASP B 24 25.96 5.02 -12.75
CA ASP B 24 24.80 5.88 -12.90
C ASP B 24 23.79 5.32 -11.89
N ALA B 25 22.93 4.33 -12.16
CA ALA B 25 22.00 3.80 -11.15
C ALA B 25 21.23 2.59 -11.67
N ASN B 26 21.32 2.45 -12.99
CA ASN B 26 20.82 1.38 -13.83
C ASN B 26 20.88 -0.02 -13.25
N ILE B 27 19.88 -0.80 -13.66
CA ILE B 27 19.86 -2.20 -13.30
C ILE B 27 20.37 -2.88 -14.57
N ILE B 28 21.48 -3.61 -14.35
CA ILE B 28 22.20 -4.33 -15.39
C ILE B 28 21.82 -5.80 -15.42
N SER B 29 21.54 -6.37 -14.23
CA SER B 29 21.09 -7.76 -14.10
C SER B 29 20.34 -7.97 -12.80
N VAL B 30 19.23 -8.73 -12.88
CA VAL B 30 18.44 -9.08 -11.70
C VAL B 30 18.06 -10.58 -11.71
N SER B 31 18.53 -11.31 -10.71
CA SER B 31 18.22 -12.71 -10.57
C SER B 31 17.37 -12.84 -9.35
N GLN B 32 16.40 -13.73 -9.44
CA GLN B 32 15.42 -13.94 -8.39
C GLN B 32 15.12 -15.43 -8.28
N ARG B 33 15.04 -15.90 -7.05
CA ARG B 33 14.95 -17.33 -6.77
C ARG B 33 13.98 -17.51 -5.62
N GLU B 34 12.75 -17.92 -6.01
CA GLU B 34 11.63 -18.10 -5.08
C GLU B 34 11.82 -19.41 -4.33
N PHE B 35 11.29 -19.46 -3.11
CA PHE B 35 11.44 -20.64 -2.25
C PHE B 35 10.20 -20.99 -1.43
N GLU B 36 10.24 -22.15 -0.77
CA GLU B 36 9.09 -22.67 -0.07
C GLU B 36 8.62 -21.91 1.14
N GLN B 37 7.30 -21.90 1.36
CA GLN B 37 6.72 -21.30 2.55
C GLN B 37 6.28 -22.48 3.37
N ILE B 38 6.63 -22.61 4.64
CA ILE B 38 6.29 -23.80 5.41
C ILE B 38 5.14 -23.41 6.34
N TYR B 39 3.96 -24.05 6.26
CA TYR B 39 2.91 -23.74 7.24
C TYR B 39 2.69 -25.01 8.06
N PRO B 40 3.35 -25.18 9.21
CA PRO B 40 3.18 -26.35 10.10
C PRO B 40 1.82 -26.59 10.76
N LYS B 41 1.16 -25.48 11.05
CA LYS B 41 -0.21 -25.42 11.58
C LYS B 41 -0.86 -24.20 10.91
N PRO B 42 -2.21 -24.06 10.85
CA PRO B 42 -2.87 -22.92 10.25
C PRO B 42 -2.35 -21.50 10.43
N GLY B 43 -2.36 -20.83 11.58
CA GLY B 43 -1.87 -19.44 11.59
C GLY B 43 -0.35 -19.27 11.50
N TRP B 44 0.40 -20.33 11.17
CA TRP B 44 1.86 -20.35 11.21
C TRP B 44 2.52 -20.34 9.84
N VAL B 45 3.63 -19.60 9.82
CA VAL B 45 4.47 -19.53 8.64
C VAL B 45 5.91 -19.75 9.14
N GLU B 46 6.73 -20.41 8.31
CA GLU B 46 8.12 -20.67 8.61
C GLU B 46 8.96 -20.78 7.37
N HIS B 47 10.19 -20.26 7.34
CA HIS B 47 11.07 -20.55 6.23
C HIS B 47 12.22 -21.33 6.81
N ASP B 48 12.93 -22.00 5.91
CA ASP B 48 14.10 -22.76 6.32
C ASP B 48 15.31 -21.85 6.15
N PRO B 49 16.05 -21.51 7.25
CA PRO B 49 17.24 -20.66 7.24
C PRO B 49 18.25 -21.07 6.17
N MET B 50 18.37 -22.38 5.93
CA MET B 50 19.28 -22.86 4.93
C MET B 50 18.70 -22.69 3.55
N GLU B 51 17.37 -22.82 3.35
CA GLU B 51 16.77 -22.62 2.01
C GLU B 51 16.85 -21.17 1.54
N ILE B 52 16.85 -20.26 2.56
CA ILE B 52 17.04 -18.82 2.44
C ILE B 52 18.47 -18.45 2.00
N TRP B 53 19.51 -18.98 2.69
CA TRP B 53 20.91 -18.76 2.32
C TRP B 53 21.26 -19.47 1.00
N ALA B 54 20.70 -20.66 0.79
CA ALA B 54 20.91 -21.37 -0.45
C ALA B 54 20.48 -20.52 -1.65
N THR B 55 19.27 -19.94 -1.57
CA THR B 55 18.72 -19.07 -2.60
C THR B 55 19.48 -17.76 -2.75
N GLN B 56 19.79 -17.08 -1.64
CA GLN B 56 20.51 -15.81 -1.70
C GLN B 56 21.97 -15.92 -2.21
N SER B 57 22.57 -17.11 -2.09
CA SER B 57 23.90 -17.33 -2.61
C SER B 57 23.74 -17.56 -4.11
N SER B 58 22.85 -18.46 -4.53
CA SER B 58 22.61 -18.78 -5.94
C SER B 58 22.51 -17.56 -6.86
N THR B 59 21.70 -16.62 -6.34
CA THR B 59 21.46 -15.32 -6.96
C THR B 59 22.71 -14.47 -7.08
N LEU B 60 23.49 -14.41 -5.99
CA LEU B 60 24.75 -13.69 -5.95
C LEU B 60 25.72 -14.22 -6.98
N VAL B 61 25.88 -15.55 -7.03
CA VAL B 61 26.80 -16.23 -7.94
C VAL B 61 26.03 -16.48 -9.26
N GLU B 62 25.19 -15.51 -9.67
CA GLU B 62 24.33 -15.63 -10.84
C GLU B 62 24.23 -14.30 -11.55
N VAL B 63 24.18 -13.18 -10.80
CA VAL B 63 24.17 -11.86 -11.40
C VAL B 63 25.54 -11.50 -11.94
N LEU B 64 26.55 -11.83 -11.13
CA LEU B 64 27.93 -11.66 -11.52
C LEU B 64 28.26 -12.52 -12.76
N ALA B 65 27.68 -13.71 -12.94
CA ALA B 65 28.01 -14.55 -14.09
C ALA B 65 27.23 -14.20 -15.35
N LYS B 66 25.95 -13.82 -15.11
CA LYS B 66 24.94 -13.45 -16.11
C LYS B 66 25.49 -12.51 -17.17
N ALA B 67 26.37 -11.66 -16.66
CA ALA B 67 27.27 -10.83 -17.45
C ALA B 67 28.49 -10.86 -16.53
N ASP B 68 29.49 -11.64 -16.99
CA ASP B 68 30.71 -11.89 -16.24
C ASP B 68 31.45 -10.62 -15.91
N ILE B 69 31.57 -10.62 -14.59
CA ILE B 69 32.06 -9.54 -13.76
C ILE B 69 32.33 -10.25 -12.43
N SER B 70 33.47 -10.19 -11.74
CA SER B 70 33.54 -10.75 -10.38
C SER B 70 34.69 -10.27 -9.49
N SER B 71 34.23 -9.94 -8.27
CA SER B 71 35.00 -9.52 -7.11
C SER B 71 35.81 -8.25 -7.23
N ASP B 72 36.30 -7.92 -8.42
CA ASP B 72 37.18 -6.79 -8.60
C ASP B 72 36.76 -5.82 -9.70
N GLN B 73 35.42 -5.80 -9.90
CA GLN B 73 34.78 -4.71 -10.62
C GLN B 73 33.69 -4.24 -9.67
N ILE B 74 33.68 -4.70 -8.41
CA ILE B 74 32.63 -4.36 -7.47
C ILE B 74 33.14 -3.61 -6.24
N ALA B 75 32.56 -2.44 -6.10
CA ALA B 75 32.81 -1.61 -4.94
C ALA B 75 32.29 -2.35 -3.72
N ALA B 76 30.97 -2.37 -3.48
CA ALA B 76 30.46 -3.02 -2.29
C ALA B 76 29.18 -3.82 -2.48
N ILE B 77 28.69 -4.35 -1.35
CA ILE B 77 27.49 -5.20 -1.25
C ILE B 77 26.55 -4.49 -0.28
N GLY B 78 25.30 -4.27 -0.67
CA GLY B 78 24.26 -3.78 0.25
C GLY B 78 23.30 -4.93 0.59
N ILE B 79 22.76 -4.93 1.82
CA ILE B 79 21.79 -5.92 2.26
C ILE B 79 20.49 -5.30 2.78
N THR B 80 19.47 -5.71 2.02
CA THR B 80 18.07 -5.50 2.38
C THR B 80 17.48 -6.86 2.60
N ASN B 81 16.55 -6.94 3.54
CA ASN B 81 15.98 -8.21 3.95
C ASN B 81 14.57 -8.05 4.51
N GLN B 82 13.76 -9.11 4.52
CA GLN B 82 12.44 -9.05 5.12
C GLN B 82 12.67 -8.89 6.62
N ARG B 83 11.86 -8.07 7.29
CA ARG B 83 12.07 -7.78 8.71
C ARG B 83 11.46 -8.77 9.67
N GLU B 84 11.69 -8.58 10.98
CA GLU B 84 11.21 -9.42 12.07
C GLU B 84 11.39 -10.95 12.07
N THR B 85 11.63 -11.69 10.97
CA THR B 85 11.74 -13.14 11.10
C THR B 85 13.09 -13.47 11.74
N THR B 86 12.87 -14.10 12.90
CA THR B 86 13.82 -14.62 13.84
C THR B 86 14.47 -15.95 13.51
N ILE B 87 15.81 -15.98 13.57
CA ILE B 87 16.59 -17.22 13.47
C ILE B 87 17.48 -17.34 14.71
N VAL B 88 17.69 -18.57 15.19
CA VAL B 88 18.62 -18.85 16.29
C VAL B 88 19.47 -20.04 15.85
N TRP B 89 20.79 -19.85 15.93
CA TRP B 89 21.69 -20.90 15.49
C TRP B 89 22.85 -21.23 16.40
N GLU B 90 23.43 -22.41 16.11
CA GLU B 90 24.58 -22.91 16.85
C GLU B 90 25.74 -22.13 16.27
N LYS B 91 26.34 -21.29 17.13
CA LYS B 91 27.52 -20.50 16.79
C LYS B 91 28.59 -21.36 16.12
N GLU B 92 28.95 -22.46 16.82
CA GLU B 92 29.97 -23.36 16.37
C GLU B 92 29.67 -24.04 15.05
N THR B 93 28.58 -24.81 14.95
CA THR B 93 28.26 -25.54 13.72
C THR B 93 27.63 -24.77 12.57
N GLY B 94 27.08 -23.57 12.87
CA GLY B 94 26.38 -22.69 11.91
C GLY B 94 25.08 -23.27 11.32
N LYS B 95 24.45 -24.09 12.20
CA LYS B 95 23.29 -24.93 11.98
C LYS B 95 22.18 -24.36 12.85
N PRO B 96 20.93 -24.16 12.38
CA PRO B 96 19.87 -23.51 13.15
C PRO B 96 19.11 -24.50 13.99
N ILE B 97 18.82 -24.13 15.25
CA ILE B 97 18.13 -25.01 16.18
C ILE B 97 16.60 -25.11 15.98
N TYR B 98 16.16 -24.48 14.88
CA TYR B 98 14.79 -24.40 14.45
C TYR B 98 14.77 -23.77 13.06
N ASN B 99 13.55 -23.64 12.53
CA ASN B 99 13.26 -22.90 11.31
C ASN B 99 13.05 -21.43 11.63
N ALA B 100 13.08 -20.60 10.59
CA ALA B 100 12.83 -19.17 10.71
C ALA B 100 11.35 -18.98 11.00
N ILE B 101 11.00 -18.51 12.20
CA ILE B 101 9.63 -18.19 12.52
C ILE B 101 9.34 -16.85 11.88
N VAL B 102 8.55 -16.85 10.80
CA VAL B 102 8.32 -15.63 10.04
C VAL B 102 7.52 -14.55 10.74
N TRP B 103 7.66 -13.27 10.30
CA TRP B 103 6.88 -12.13 10.79
C TRP B 103 5.35 -12.27 10.78
N GLN B 104 4.91 -13.01 9.77
CA GLN B 104 3.52 -13.34 9.53
C GLN B 104 2.94 -14.23 10.58
N CYS B 105 3.71 -15.24 10.97
CA CYS B 105 3.30 -16.26 11.92
C CYS B 105 2.68 -15.76 13.23
N ARG B 106 1.57 -16.42 13.56
CA ARG B 106 0.75 -16.09 14.71
C ARG B 106 0.96 -16.91 15.97
N ARG B 107 1.90 -17.88 15.85
CA ARG B 107 2.27 -18.79 16.93
C ARG B 107 2.44 -18.22 18.33
N THR B 108 2.97 -17.00 18.50
CA THR B 108 3.29 -16.51 19.83
C THR B 108 2.26 -15.57 20.41
N ALA B 109 0.99 -15.65 19.99
CA ALA B 109 -0.06 -14.79 20.52
C ALA B 109 -0.29 -14.94 22.01
N GLU B 110 0.00 -16.12 22.57
CA GLU B 110 -0.21 -16.43 23.98
C GLU B 110 0.79 -15.67 24.83
N ILE B 111 2.05 -15.58 24.36
CA ILE B 111 3.09 -14.81 25.04
C ILE B 111 2.70 -13.32 25.02
N CYS B 112 2.20 -12.75 23.89
CA CYS B 112 1.71 -11.36 23.86
C CYS B 112 0.54 -11.06 24.81
N GLU B 113 -0.18 -12.12 25.13
CA GLU B 113 -1.29 -11.98 26.05
C GLU B 113 -0.74 -11.85 27.45
N HIS B 114 0.30 -12.60 27.82
CA HIS B 114 0.84 -12.51 29.17
C HIS B 114 1.43 -11.14 29.41
N LEU B 115 2.08 -10.61 28.35
CA LEU B 115 2.65 -9.27 28.30
C LEU B 115 1.58 -8.19 28.39
N LYS B 116 0.34 -8.39 27.89
CA LYS B 116 -0.72 -7.38 28.08
C LYS B 116 -1.35 -7.51 29.47
N ARG B 117 -1.27 -8.71 30.05
CA ARG B 117 -1.86 -9.01 31.35
C ARG B 117 -1.05 -8.28 32.41
N ASP B 118 0.26 -8.23 32.17
CA ASP B 118 1.17 -7.64 33.13
C ASP B 118 1.14 -6.12 33.22
N GLY B 119 0.50 -5.50 32.24
CA GLY B 119 0.40 -4.06 32.15
C GLY B 119 1.69 -3.49 31.58
N LEU B 120 2.25 -4.28 30.67
CA LEU B 120 3.52 -3.94 30.05
C LEU B 120 3.30 -3.44 28.62
N GLU B 121 2.10 -2.88 28.46
CA GLU B 121 1.60 -2.36 27.21
C GLU B 121 2.22 -0.99 26.91
N ASP B 122 2.10 -0.02 27.82
CA ASP B 122 2.60 1.33 27.60
C ASP B 122 4.11 1.49 27.60
N TYR B 123 4.80 0.61 28.37
CA TYR B 123 6.25 0.58 28.36
C TYR B 123 6.79 0.24 26.96
N ILE B 124 6.29 -0.84 26.33
CA ILE B 124 6.80 -1.24 25.03
C ILE B 124 6.41 -0.31 23.86
N ARG B 125 5.30 0.45 23.93
CA ARG B 125 4.99 1.40 22.85
C ARG B 125 5.94 2.58 22.96
N SER B 126 6.22 2.94 24.23
CA SER B 126 7.11 4.06 24.53
C SER B 126 8.57 3.84 24.18
N ASN B 127 9.13 2.71 24.56
CA ASN B 127 10.55 2.45 24.37
C ASN B 127 10.93 1.81 23.07
N THR B 128 9.98 1.31 22.28
CA THR B 128 10.28 0.64 21.04
C THR B 128 9.52 1.24 19.87
N GLY B 129 8.38 1.86 20.21
CA GLY B 129 7.46 2.40 19.22
C GLY B 129 6.47 1.36 18.71
N LEU B 130 6.67 0.08 19.07
CA LEU B 130 5.88 -1.04 18.59
C LEU B 130 4.63 -1.40 19.39
N VAL B 131 3.94 -2.46 18.95
CA VAL B 131 2.70 -2.93 19.54
C VAL B 131 2.94 -4.34 20.10
N ILE B 132 2.25 -4.77 21.18
CA ILE B 132 2.37 -6.14 21.66
C ILE B 132 1.56 -7.00 20.70
N ASP B 133 2.30 -7.61 19.77
CA ASP B 133 1.74 -8.42 18.72
C ASP B 133 2.74 -9.48 18.26
N PRO B 134 2.35 -10.72 17.90
CA PRO B 134 3.22 -11.76 17.37
C PRO B 134 4.18 -11.41 16.25
N TYR B 135 3.90 -10.36 15.47
CA TYR B 135 4.69 -9.83 14.36
C TYR B 135 6.18 -9.69 14.61
N PHE B 136 6.47 -9.03 15.75
CA PHE B 136 7.82 -8.69 16.14
C PHE B 136 8.49 -9.88 16.80
N SER B 137 9.81 -9.75 16.56
CA SER B 137 10.84 -10.74 16.86
C SER B 137 11.02 -11.30 18.23
N GLY B 138 10.78 -10.41 19.20
CA GLY B 138 11.02 -10.60 20.61
C GLY B 138 10.54 -11.91 21.14
N THR B 139 9.23 -12.05 21.13
CA THR B 139 8.59 -13.25 21.66
C THR B 139 8.74 -14.45 20.73
N LYS B 140 9.24 -14.30 19.50
CA LYS B 140 9.50 -15.46 18.65
C LYS B 140 10.75 -16.13 19.15
N VAL B 141 11.69 -15.36 19.71
CA VAL B 141 12.93 -15.86 20.32
C VAL B 141 12.59 -16.61 21.62
N LYS B 142 11.73 -16.07 22.49
CA LYS B 142 11.28 -16.78 23.68
C LYS B 142 10.69 -18.13 23.27
N TRP B 143 9.70 -18.22 22.36
CA TRP B 143 9.19 -19.51 21.88
C TRP B 143 10.31 -20.47 21.41
N ILE B 144 11.39 -20.06 20.73
CA ILE B 144 12.41 -21.05 20.28
C ILE B 144 13.22 -21.61 21.45
N LEU B 145 13.42 -20.74 22.43
CA LEU B 145 14.16 -21.08 23.61
C LEU B 145 13.30 -21.93 24.52
N ASP B 146 11.99 -21.62 24.64
CA ASP B 146 11.08 -22.38 25.49
C ASP B 146 10.68 -23.74 24.95
N HIS B 147 10.98 -24.02 23.67
CA HIS B 147 10.67 -25.31 23.08
C HIS B 147 11.86 -26.19 22.86
N VAL B 148 13.08 -25.66 22.83
CA VAL B 148 14.22 -26.55 22.83
C VAL B 148 14.59 -26.80 24.30
N GLU B 149 15.21 -27.96 24.50
CA GLU B 149 15.61 -28.44 25.81
C GLU B 149 17.05 -27.99 26.04
N GLY B 150 17.25 -27.07 27.00
CA GLY B 150 18.59 -26.60 27.32
C GLY B 150 19.11 -25.42 26.51
N SER B 151 18.40 -24.95 25.47
CA SER B 151 18.79 -23.82 24.61
C SER B 151 19.14 -22.50 25.29
N ARG B 152 18.43 -22.17 26.38
CA ARG B 152 18.66 -20.92 27.08
C ARG B 152 19.90 -20.97 27.93
N GLU B 153 20.16 -22.01 28.78
CA GLU B 153 21.41 -22.10 29.54
C GLU B 153 22.63 -22.08 28.62
N ARG B 154 22.45 -22.74 27.49
CA ARG B 154 23.45 -22.83 26.46
C ARG B 154 23.64 -21.45 25.83
N ALA B 155 22.59 -20.61 25.87
CA ALA B 155 22.69 -19.24 25.37
C ALA B 155 23.41 -18.28 26.35
N ARG B 156 23.43 -18.57 27.68
CA ARG B 156 24.27 -17.79 28.58
C ARG B 156 25.72 -18.21 28.41
N ARG B 157 25.97 -19.50 28.26
CA ARG B 157 27.30 -20.02 28.00
C ARG B 157 27.71 -19.72 26.55
N GLY B 158 26.90 -18.97 25.78
CA GLY B 158 27.25 -18.50 24.45
C GLY B 158 27.34 -19.50 23.29
N GLU B 159 26.86 -20.76 23.42
CA GLU B 159 26.96 -21.69 22.31
C GLU B 159 26.04 -21.35 21.13
N LEU B 160 24.94 -20.62 21.41
CA LEU B 160 23.98 -20.21 20.38
C LEU B 160 23.53 -18.75 20.46
N LEU B 161 23.32 -18.19 19.28
CA LEU B 161 22.94 -16.77 19.12
C LEU B 161 21.82 -16.40 18.14
N PHE B 162 21.12 -15.33 18.54
CA PHE B 162 20.01 -14.73 17.80
C PHE B 162 20.38 -13.82 16.64
N GLY B 163 19.46 -13.73 15.66
CA GLY B 163 19.55 -12.82 14.53
C GLY B 163 18.33 -12.82 13.61
N THR B 164 17.97 -11.63 13.09
CA THR B 164 16.99 -11.56 12.02
C THR B 164 17.81 -11.76 10.74
N VAL B 165 17.17 -11.78 9.55
CA VAL B 165 17.80 -12.21 8.31
C VAL B 165 19.02 -11.47 7.80
N ASP B 166 19.15 -10.17 8.12
CA ASP B 166 20.35 -9.41 7.78
C ASP B 166 21.58 -9.94 8.52
N THR B 167 21.46 -10.20 9.84
CA THR B 167 22.60 -10.73 10.57
C THR B 167 22.80 -12.19 10.21
N TRP B 168 21.76 -12.96 9.85
CA TRP B 168 21.92 -14.32 9.36
C TRP B 168 22.78 -14.30 8.10
N LEU B 169 22.39 -13.56 7.07
CA LEU B 169 23.13 -13.58 5.83
C LEU B 169 24.58 -13.10 5.88
N ILE B 170 24.89 -12.08 6.69
CA ILE B 170 26.24 -11.54 6.73
C ILE B 170 27.17 -12.48 7.48
N TRP B 171 26.63 -13.20 8.47
CA TRP B 171 27.39 -14.20 9.22
C TRP B 171 27.82 -15.25 8.21
N LYS B 172 26.89 -15.90 7.50
CA LYS B 172 27.24 -16.88 6.46
C LYS B 172 28.18 -16.38 5.39
N MET B 173 28.05 -15.12 5.00
CA MET B 173 28.99 -14.52 4.06
C MET B 173 30.35 -14.23 4.70
N THR B 174 30.45 -13.91 6.00
CA THR B 174 31.73 -13.58 6.60
C THR B 174 32.23 -14.70 7.51
N GLN B 175 32.09 -15.95 7.04
CA GLN B 175 32.44 -17.17 7.77
C GLN B 175 32.30 -17.21 9.30
N GLY B 176 31.35 -16.40 9.82
CA GLY B 176 31.06 -16.36 11.24
C GLY B 176 31.70 -15.21 12.01
N ARG B 177 32.66 -14.51 11.39
CA ARG B 177 33.44 -13.45 12.03
C ARG B 177 32.59 -12.36 12.66
N VAL B 178 31.98 -11.54 11.77
CA VAL B 178 31.10 -10.47 12.20
C VAL B 178 29.67 -10.97 12.31
N HIS B 179 28.98 -10.50 13.36
CA HIS B 179 27.60 -10.83 13.68
C HIS B 179 26.92 -9.49 13.99
N VAL B 180 26.22 -8.95 12.96
CA VAL B 180 25.71 -7.57 13.05
C VAL B 180 24.27 -7.25 12.57
N THR B 181 23.57 -6.33 13.26
CA THR B 181 22.28 -5.80 12.79
C THR B 181 22.48 -4.32 12.53
N ASP B 182 21.58 -3.67 11.78
CA ASP B 182 21.62 -2.22 11.67
C ASP B 182 20.55 -1.63 12.58
N TYR B 183 20.34 -0.30 12.59
CA TYR B 183 19.33 0.32 13.43
C TYR B 183 17.86 0.09 13.07
N THR B 184 17.57 0.16 11.76
CA THR B 184 16.21 -0.05 11.26
C THR B 184 15.84 -1.50 11.52
N ASN B 185 16.75 -2.46 11.24
CA ASN B 185 16.46 -3.86 11.47
C ASN B 185 16.40 -4.21 12.94
N ALA B 186 17.20 -3.61 13.82
CA ALA B 186 17.17 -3.95 15.26
C ALA B 186 15.90 -3.48 15.96
N SER B 187 15.41 -2.31 15.55
CA SER B 187 14.22 -1.72 16.12
C SER B 187 12.95 -2.55 16.04
N ARG B 188 12.92 -3.42 15.03
CA ARG B 188 11.80 -4.27 14.71
C ARG B 188 11.63 -5.50 15.59
N THR B 189 12.54 -5.69 16.55
CA THR B 189 12.55 -6.88 17.37
C THR B 189 11.73 -6.74 18.62
N MET B 190 11.34 -5.55 19.10
CA MET B 190 10.68 -5.36 20.40
C MET B 190 11.64 -5.51 21.60
N LEU B 191 12.91 -5.88 21.33
CA LEU B 191 14.02 -6.02 22.28
C LEU B 191 14.98 -4.82 22.32
N PHE B 192 14.67 -3.77 21.53
CA PHE B 192 15.52 -2.62 21.31
C PHE B 192 14.89 -1.29 21.70
N ASN B 193 15.63 -0.47 22.44
CA ASN B 193 15.13 0.85 22.79
C ASN B 193 15.42 1.80 21.62
N ILE B 194 14.40 2.56 21.24
CA ILE B 194 14.45 3.41 20.05
C ILE B 194 14.98 4.83 20.41
N HIS B 195 14.98 5.13 21.71
CA HIS B 195 15.49 6.34 22.31
C HIS B 195 16.99 6.18 22.66
N THR B 196 17.32 5.28 23.60
CA THR B 196 18.66 4.87 24.00
C THR B 196 19.51 4.31 22.84
N LEU B 197 18.85 3.88 21.76
CA LEU B 197 19.44 3.23 20.58
C LEU B 197 20.41 2.09 20.90
N ASP B 198 19.90 1.19 21.76
CA ASP B 198 20.61 0.00 22.24
C ASP B 198 19.60 -0.98 22.86
N TRP B 199 19.91 -2.27 22.93
CA TRP B 199 19.02 -3.30 23.51
C TRP B 199 18.45 -2.94 24.85
N ASP B 200 17.10 -3.01 24.97
CA ASP B 200 16.40 -2.69 26.21
C ASP B 200 16.40 -3.88 27.15
N ASP B 201 16.88 -3.60 28.37
CA ASP B 201 17.15 -4.62 29.36
C ASP B 201 15.98 -5.05 30.22
N LYS B 202 14.85 -4.32 30.18
CA LYS B 202 13.61 -4.80 30.83
C LYS B 202 12.97 -5.77 29.86
N MET B 203 12.98 -5.40 28.58
CA MET B 203 12.46 -6.24 27.49
C MET B 203 13.21 -7.55 27.27
N LEU B 204 14.38 -7.61 27.89
CA LEU B 204 15.24 -8.76 27.79
C LEU B 204 14.97 -9.65 28.98
N GLU B 205 14.53 -9.03 30.09
CA GLU B 205 14.24 -9.74 31.31
C GLU B 205 12.86 -10.41 31.30
N VAL B 206 11.82 -9.71 30.83
CA VAL B 206 10.45 -10.24 30.81
C VAL B 206 10.26 -11.43 29.87
N LEU B 207 11.09 -11.53 28.84
CA LEU B 207 11.09 -12.64 27.91
C LEU B 207 12.29 -13.56 28.12
N ASP B 208 13.17 -13.18 29.07
CA ASP B 208 14.42 -13.82 29.42
C ASP B 208 15.27 -14.28 28.25
N ILE B 209 15.83 -13.31 27.52
CA ILE B 209 16.80 -13.59 26.46
C ILE B 209 18.11 -13.19 27.13
N PRO B 210 19.11 -14.07 27.13
CA PRO B 210 20.50 -13.71 27.41
C PRO B 210 21.04 -12.70 26.40
N ARG B 211 21.52 -11.54 26.89
CA ARG B 211 22.15 -10.53 26.03
C ARG B 211 23.35 -11.05 25.25
N GLU B 212 23.83 -12.26 25.58
CA GLU B 212 24.94 -12.90 24.90
C GLU B 212 24.58 -13.34 23.50
N MET B 213 23.26 -13.49 23.25
CA MET B 213 22.70 -13.88 21.95
C MET B 213 22.68 -12.80 20.87
N LEU B 214 22.41 -11.59 21.34
CA LEU B 214 22.15 -10.44 20.49
C LEU B 214 23.30 -10.00 19.59
N PRO B 215 23.05 -9.30 18.47
CA PRO B 215 24.10 -8.67 17.68
C PRO B 215 24.44 -7.28 18.18
N GLU B 216 25.53 -6.89 17.51
CA GLU B 216 26.13 -5.57 17.64
C GLU B 216 25.27 -4.78 16.68
N VAL B 217 24.41 -3.88 17.19
CA VAL B 217 23.64 -3.04 16.27
C VAL B 217 24.46 -1.87 15.71
N ARG B 218 25.06 -2.12 14.55
CA ARG B 218 25.86 -1.13 13.85
C ARG B 218 25.03 -0.10 13.08
N ARG B 219 25.34 0.46 11.91
CA ARG B 219 24.50 1.51 11.34
C ARG B 219 24.19 1.17 9.89
N SER B 220 23.32 1.89 9.16
CA SER B 220 22.92 1.47 7.81
C SER B 220 23.90 1.64 6.67
N SER B 221 24.89 2.50 6.87
CA SER B 221 25.91 2.76 5.86
C SER B 221 27.21 2.88 6.65
N GLU B 222 28.11 1.92 6.37
CA GLU B 222 29.32 1.69 7.14
C GLU B 222 29.88 0.33 6.72
N VAL B 223 31.18 0.13 6.42
CA VAL B 223 31.69 -1.21 6.09
C VAL B 223 31.76 -2.05 7.37
N TYR B 224 31.01 -3.15 7.50
CA TYR B 224 30.97 -3.93 8.72
C TYR B 224 31.89 -5.14 8.67
N GLY B 225 32.30 -5.53 7.46
CA GLY B 225 33.18 -6.65 7.23
C GLY B 225 33.50 -6.82 5.74
N GLN B 226 34.24 -7.88 5.41
CA GLN B 226 34.51 -8.18 4.01
C GLN B 226 33.83 -9.49 3.63
N THR B 227 33.89 -9.85 2.35
CA THR B 227 33.23 -11.07 1.88
C THR B 227 34.17 -11.57 0.80
N ASN B 228 34.46 -12.86 0.79
CA ASN B 228 35.37 -13.37 -0.22
C ASN B 228 34.47 -13.84 -1.34
N ILE B 229 33.64 -14.86 -1.12
CA ILE B 229 32.59 -15.32 -2.04
C ILE B 229 32.84 -15.72 -3.50
N GLY B 230 33.78 -15.24 -4.13
N ILE B 237 33.55 -6.98 -2.39
CA ILE B 237 33.98 -7.55 -1.11
C ILE B 237 33.70 -6.77 0.19
N PRO B 238 33.75 -5.44 0.34
CA PRO B 238 33.15 -4.76 1.49
C PRO B 238 31.63 -4.81 1.62
N ILE B 239 31.18 -5.40 2.73
CA ILE B 239 29.77 -5.44 3.09
C ILE B 239 29.56 -4.12 3.84
N SER B 240 29.00 -3.13 3.13
CA SER B 240 28.80 -1.79 3.67
C SER B 240 27.41 -1.23 3.93
N GLY B 241 26.31 -1.86 3.48
CA GLY B 241 24.99 -1.32 3.79
C GLY B 241 24.02 -2.35 4.36
N ILE B 242 23.10 -1.93 5.25
CA ILE B 242 22.01 -2.78 5.77
C ILE B 242 20.82 -1.92 6.17
N ALA B 243 19.65 -2.32 5.63
CA ALA B 243 18.36 -1.78 6.10
C ALA B 243 17.24 -2.75 5.84
N GLY B 244 16.24 -2.76 6.73
CA GLY B 244 15.03 -3.55 6.53
C GLY B 244 14.40 -3.15 5.19
N ASP B 245 13.93 -4.11 4.37
CA ASP B 245 13.43 -3.81 3.04
C ASP B 245 12.42 -2.69 2.88
N GLN B 246 11.66 -2.37 3.92
CA GLN B 246 10.71 -1.29 3.80
C GLN B 246 11.32 0.09 4.05
N GLN B 247 12.31 0.10 4.96
CA GLN B 247 13.16 1.26 5.23
C GLN B 247 14.15 1.52 4.10
N ALA B 248 14.67 0.53 3.35
CA ALA B 248 15.47 0.82 2.15
C ALA B 248 14.64 1.24 0.94
N ALA B 249 13.34 0.90 0.88
CA ALA B 249 12.46 1.26 -0.22
C ALA B 249 12.08 2.70 -0.04
N LEU B 250 11.95 3.13 1.22
CA LEU B 250 11.72 4.54 1.51
C LEU B 250 12.95 5.33 1.03
N PHE B 251 14.14 4.76 1.25
CA PHE B 251 15.39 5.39 0.82
C PHE B 251 15.61 5.39 -0.70
N GLY B 252 15.28 4.33 -1.46
CA GLY B 252 15.43 4.33 -2.93
C GLY B 252 14.46 5.30 -3.61
N GLN B 253 13.37 5.56 -2.87
CA GLN B 253 12.36 6.52 -3.23
C GLN B 253 12.80 7.97 -2.87
N LEU B 254 14.00 8.08 -2.29
CA LEU B 254 14.61 9.31 -1.82
C LEU B 254 13.74 10.05 -0.84
N CYS B 255 12.96 9.29 -0.06
CA CYS B 255 12.06 9.86 0.92
C CYS B 255 12.93 9.94 2.14
N VAL B 256 13.67 11.05 2.15
CA VAL B 256 14.75 11.22 3.11
C VAL B 256 14.61 12.48 3.95
N LYS B 257 13.51 13.21 3.72
CA LYS B 257 13.14 14.39 4.49
C LYS B 257 11.74 14.20 5.10
N GLU B 258 11.40 14.92 6.17
CA GLU B 258 10.11 14.79 6.84
C GLU B 258 8.86 15.17 6.09
N GLY B 259 7.88 14.29 6.32
CA GLY B 259 6.58 14.33 5.66
C GLY B 259 6.61 13.49 4.38
N MET B 260 7.80 13.09 3.88
CA MET B 260 7.90 12.31 2.65
C MET B 260 7.57 10.87 2.98
N ALA B 261 6.80 10.25 2.08
CA ALA B 261 6.27 8.90 2.27
C ALA B 261 6.11 8.02 1.02
N LYS B 262 6.05 6.70 1.22
CA LYS B 262 5.76 5.78 0.14
C LYS B 262 4.96 4.55 0.61
N ASN B 263 4.35 3.79 -0.29
CA ASN B 263 3.64 2.56 0.08
C ASN B 263 4.22 1.49 -0.82
N THR B 264 4.58 0.33 -0.27
CA THR B 264 5.06 -0.77 -1.07
C THR B 264 3.94 -1.81 -1.12
N TYR B 265 3.65 -2.26 -2.33
CA TYR B 265 2.72 -3.32 -2.59
C TYR B 265 3.64 -4.45 -2.99
N GLY B 266 4.06 -5.15 -1.95
CA GLY B 266 4.92 -6.30 -2.11
C GLY B 266 4.13 -7.55 -1.78
N THR B 267 4.45 -8.24 -0.66
CA THR B 267 3.79 -9.44 -0.16
C THR B 267 2.70 -8.98 0.79
N GLY B 268 3.08 -7.95 1.52
CA GLY B 268 2.22 -7.18 2.39
C GLY B 268 2.26 -5.75 1.87
N CYS B 269 1.49 -4.83 2.44
CA CYS B 269 1.59 -3.44 2.04
C CYS B 269 2.21 -2.67 3.17
N PHE B 270 3.36 -2.02 2.95
CA PHE B 270 3.97 -1.23 4.04
C PHE B 270 4.09 0.22 3.60
N MET B 271 3.46 1.07 4.40
CA MET B 271 3.47 2.50 4.16
C MET B 271 4.30 3.21 5.24
N LEU B 272 5.36 3.91 4.86
CA LEU B 272 6.17 4.61 5.84
C LEU B 272 6.27 6.09 5.47
N MET B 273 6.50 6.91 6.49
CA MET B 273 6.67 8.35 6.31
C MET B 273 7.83 8.79 7.19
N ASN B 274 8.86 9.42 6.59
CA ASN B 274 9.97 10.00 7.31
C ASN B 274 9.50 11.11 8.25
N THR B 275 9.98 11.16 9.49
CA THR B 275 9.61 12.26 10.38
C THR B 275 10.81 13.06 10.90
N GLY B 276 11.98 12.77 10.33
CA GLY B 276 13.24 13.34 10.75
C GLY B 276 13.64 12.95 12.16
N GLU B 277 14.31 13.90 12.84
CA GLU B 277 14.75 13.80 14.22
C GLU B 277 13.71 13.58 15.32
N LYS B 278 12.40 13.58 15.02
CA LYS B 278 11.37 13.36 16.03
C LYS B 278 10.70 12.01 15.97
N ALA B 279 10.47 11.42 17.16
CA ALA B 279 9.72 10.18 17.30
C ALA B 279 8.26 10.54 17.58
N VAL B 280 7.32 10.39 16.63
CA VAL B 280 5.92 10.78 16.81
C VAL B 280 5.08 9.65 17.43
N LYS B 281 4.38 9.88 18.55
CA LYS B 281 3.49 8.85 19.12
C LYS B 281 2.22 8.71 18.31
N SER B 282 2.04 7.49 17.83
CA SER B 282 0.81 7.13 17.15
C SER B 282 -0.36 6.90 18.10
N GLU B 283 -1.39 7.72 17.92
CA GLU B 283 -2.61 7.57 18.66
C GLU B 283 -3.69 6.91 17.76
N ASN B 284 -3.31 6.36 16.58
CA ASN B 284 -4.22 5.77 15.62
C ASN B 284 -3.80 4.43 15.00
N GLY B 285 -3.20 3.57 15.83
CA GLY B 285 -2.84 2.21 15.42
C GLY B 285 -1.59 2.07 14.58
N LEU B 286 -0.80 3.11 14.34
CA LEU B 286 0.46 2.96 13.63
C LEU B 286 1.68 2.67 14.53
N LEU B 287 2.80 2.37 13.89
CA LEU B 287 4.05 2.08 14.56
C LEU B 287 5.01 3.25 14.39
N THR B 288 5.83 3.45 15.43
CA THR B 288 6.95 4.40 15.38
C THR B 288 8.19 3.55 15.23
N THR B 289 8.82 3.60 14.07
CA THR B 289 9.98 2.81 13.73
C THR B 289 11.23 3.70 13.53
N ILE B 290 12.32 3.18 12.92
CA ILE B 290 13.54 3.91 12.59
C ILE B 290 13.76 3.75 11.10
N ALA B 291 14.23 4.82 10.47
CA ALA B 291 14.54 4.87 9.05
C ALA B 291 15.88 5.59 8.83
N CYS B 292 16.41 5.73 7.62
CA CYS B 292 17.63 6.49 7.34
C CYS B 292 17.38 7.94 6.90
N GLY B 293 18.34 8.82 7.20
CA GLY B 293 18.32 10.21 6.77
C GLY B 293 19.26 10.31 5.57
N PRO B 294 19.58 11.47 5.00
CA PRO B 294 20.27 11.56 3.72
C PRO B 294 21.61 10.85 3.65
N THR B 295 22.35 10.70 4.77
CA THR B 295 23.58 9.92 4.74
C THR B 295 23.45 8.51 5.33
N GLY B 296 22.30 8.05 5.83
CA GLY B 296 22.21 6.72 6.41
C GLY B 296 22.21 6.83 7.93
N GLU B 297 21.79 8.01 8.43
CA GLU B 297 21.74 8.18 9.85
C GLU B 297 20.36 7.92 10.37
N VAL B 298 20.26 7.79 11.68
CA VAL B 298 18.98 7.54 12.28
C VAL B 298 18.08 8.74 12.10
N ASN B 299 17.00 8.35 11.45
CA ASN B 299 15.81 9.17 11.35
C ASN B 299 14.71 8.33 11.95
N TYR B 300 13.63 8.93 12.40
CA TYR B 300 12.50 8.15 12.84
C TYR B 300 11.53 8.11 11.66
N ALA B 301 10.58 7.16 11.70
CA ALA B 301 9.53 7.09 10.68
C ALA B 301 8.21 6.67 11.27
N LEU B 302 7.14 6.80 10.51
CA LEU B 302 5.81 6.43 10.96
C LEU B 302 5.38 5.31 10.01
N GLU B 303 4.67 4.29 10.51
CA GLU B 303 4.40 3.11 9.70
C GLU B 303 3.08 2.37 9.87
N GLY B 304 2.61 1.80 8.76
CA GLY B 304 1.42 0.98 8.72
C GLY B 304 1.85 -0.27 7.99
N ALA B 305 1.65 -1.39 8.67
CA ALA B 305 2.03 -2.67 8.12
C ALA B 305 0.82 -3.56 7.88
N VAL B 306 0.54 -3.95 6.64
CA VAL B 306 -0.54 -4.88 6.39
C VAL B 306 0.17 -6.08 5.74
N PHE B 307 -0.21 -7.24 6.29
CA PHE B 307 0.47 -8.51 6.09
C PHE B 307 0.39 -9.24 4.77
N MET B 308 -0.70 -8.76 4.13
CA MET B 308 -1.44 -9.40 3.08
C MET B 308 -1.71 -8.67 1.76
N ALA B 309 -0.77 -8.33 0.89
CA ALA B 309 -1.12 -7.67 -0.35
C ALA B 309 -0.93 -8.67 -1.47
N GLY B 310 0.18 -8.77 -2.20
CA GLY B 310 0.34 -9.72 -3.28
C GLY B 310 0.47 -11.13 -2.76
N ALA B 311 0.64 -11.38 -1.46
CA ALA B 311 0.64 -12.77 -1.01
C ALA B 311 -0.77 -13.39 -1.23
N SER B 312 -1.84 -12.56 -1.26
CA SER B 312 -3.20 -12.97 -1.62
C SER B 312 -3.34 -13.41 -3.07
N ILE B 313 -2.55 -12.88 -3.99
CA ILE B 313 -2.55 -13.24 -5.40
C ILE B 313 -1.72 -14.51 -5.58
N GLN B 314 -0.83 -14.76 -4.61
CA GLN B 314 -0.03 -15.98 -4.61
C GLN B 314 -0.95 -17.15 -4.21
N TRP B 315 -1.84 -16.89 -3.24
CA TRP B 315 -2.83 -17.83 -2.80
C TRP B 315 -3.81 -18.20 -3.95
N LEU B 316 -4.35 -17.26 -4.74
CA LEU B 316 -5.25 -17.58 -5.85
C LEU B 316 -4.54 -18.39 -6.92
N ARG B 317 -3.23 -18.20 -7.09
CA ARG B 317 -2.44 -18.90 -8.08
C ARG B 317 -1.99 -20.29 -7.61
N ASP B 318 -1.61 -20.45 -6.36
CA ASP B 318 -0.98 -21.69 -5.96
C ASP B 318 -1.94 -22.62 -5.29
N GLU B 319 -2.72 -22.16 -4.33
CA GLU B 319 -3.62 -23.05 -3.64
C GLU B 319 -4.94 -23.14 -4.32
N MET B 320 -5.63 -22.02 -4.58
CA MET B 320 -6.88 -21.99 -5.32
C MET B 320 -6.76 -22.33 -6.79
N LYS B 321 -5.63 -22.06 -7.44
CA LYS B 321 -5.40 -22.35 -8.85
C LYS B 321 -6.31 -21.63 -9.83
N LEU B 322 -6.91 -20.55 -9.37
CA LEU B 322 -7.73 -19.74 -10.20
C LEU B 322 -6.92 -18.95 -11.22
N ILE B 323 -5.60 -18.64 -11.19
CA ILE B 323 -5.02 -17.86 -12.29
C ILE B 323 -3.78 -18.26 -13.15
N ASN B 324 -2.80 -19.07 -12.70
CA ASN B 324 -1.54 -19.43 -13.43
C ASN B 324 -0.46 -18.35 -13.38
N ASP B 325 -0.76 -17.08 -13.62
CA ASP B 325 0.19 -15.99 -13.39
C ASP B 325 -0.49 -15.00 -12.47
N ALA B 326 0.28 -14.21 -11.71
CA ALA B 326 -0.27 -13.13 -10.91
C ALA B 326 -0.61 -11.96 -11.84
N TYR B 327 0.08 -11.89 -12.99
CA TYR B 327 -0.19 -10.90 -14.03
C TYR B 327 -1.60 -11.07 -14.56
N ASP B 328 -2.08 -12.32 -14.64
CA ASP B 328 -3.43 -12.57 -15.10
C ASP B 328 -4.53 -12.00 -14.24
N SER B 329 -4.22 -11.55 -13.03
CA SER B 329 -5.23 -11.01 -12.15
C SER B 329 -5.81 -9.73 -12.70
N GLU B 330 -5.06 -8.97 -13.47
CA GLU B 330 -5.58 -7.72 -14.00
C GLU B 330 -6.69 -7.95 -15.01
N TYR B 331 -6.44 -8.93 -15.91
CA TYR B 331 -7.37 -9.27 -16.97
C TYR B 331 -8.70 -9.82 -16.48
N PHE B 332 -8.70 -10.81 -15.59
CA PHE B 332 -9.92 -11.43 -15.11
C PHE B 332 -10.71 -10.53 -14.18
N ALA B 333 -9.98 -9.70 -13.45
CA ALA B 333 -10.58 -8.70 -12.60
C ALA B 333 -11.24 -7.63 -13.47
N THR B 334 -10.74 -7.27 -14.66
CA THR B 334 -11.42 -6.25 -15.45
C THR B 334 -12.37 -6.82 -16.48
N LYS B 335 -12.69 -8.12 -16.33
CA LYS B 335 -13.76 -8.73 -17.09
C LYS B 335 -15.11 -8.46 -16.45
N VAL B 336 -15.24 -8.11 -15.17
CA VAL B 336 -16.56 -8.03 -14.59
C VAL B 336 -17.21 -6.70 -14.33
N GLN B 337 -16.49 -5.63 -13.95
CA GLN B 337 -16.99 -4.26 -13.67
C GLN B 337 -17.24 -3.98 -12.23
N ASN B 338 -17.67 -4.98 -11.50
CA ASN B 338 -17.85 -4.82 -10.06
C ASN B 338 -17.58 -6.21 -9.42
N THR B 339 -17.69 -6.37 -8.10
CA THR B 339 -17.50 -7.68 -7.53
C THR B 339 -18.82 -8.26 -7.05
N ASN B 340 -19.97 -7.80 -7.55
CA ASN B 340 -21.29 -8.34 -7.17
C ASN B 340 -21.65 -8.25 -5.71
N GLY B 341 -20.88 -7.57 -4.87
CA GLY B 341 -21.19 -7.45 -3.46
C GLY B 341 -20.21 -8.18 -2.58
N VAL B 342 -19.32 -8.92 -3.22
CA VAL B 342 -18.31 -9.71 -2.55
C VAL B 342 -17.19 -8.89 -1.96
N TYR B 343 -16.87 -9.24 -0.71
CA TYR B 343 -15.68 -8.72 -0.05
C TYR B 343 -14.72 -9.85 0.32
N VAL B 344 -13.41 -9.58 0.18
CA VAL B 344 -12.36 -10.50 0.62
C VAL B 344 -11.54 -9.79 1.69
N VAL B 345 -11.43 -10.43 2.84
CA VAL B 345 -10.61 -9.90 3.92
C VAL B 345 -9.43 -10.87 4.06
N PRO B 346 -8.22 -10.53 3.59
CA PRO B 346 -7.02 -11.39 3.61
C PRO B 346 -6.37 -11.48 4.99
N ALA B 347 -7.12 -11.80 6.05
CA ALA B 347 -6.57 -11.96 7.38
C ALA B 347 -5.98 -13.38 7.62
N PHE B 348 -5.23 -13.87 6.65
CA PHE B 348 -4.60 -15.15 6.68
C PHE B 348 -3.66 -15.40 7.85
N THR B 349 -3.06 -14.30 8.35
CA THR B 349 -2.16 -14.34 9.47
C THR B 349 -2.60 -13.21 10.38
N GLY B 350 -3.88 -13.14 10.72
CA GLY B 350 -4.45 -12.05 11.49
C GLY B 350 -4.48 -10.74 10.72
N LEU B 351 -4.84 -9.65 11.38
CA LEU B 351 -4.93 -8.35 10.78
C LEU B 351 -3.86 -7.42 11.36
N GLY B 352 -2.99 -6.88 10.51
CA GLY B 352 -1.92 -5.96 10.92
C GLY B 352 -2.49 -4.61 11.30
N ALA B 353 -1.97 -3.54 10.71
CA ALA B 353 -2.37 -2.18 11.09
C ALA B 353 -3.57 -1.70 10.33
N PRO B 354 -4.50 -0.94 10.93
CA PRO B 354 -4.41 -0.49 12.31
C PRO B 354 -5.13 -1.39 13.31
N TYR B 355 -5.51 -2.61 12.87
CA TYR B 355 -6.32 -3.48 13.70
C TYR B 355 -5.58 -4.20 14.81
N TRP B 356 -4.53 -4.97 14.48
CA TRP B 356 -3.63 -5.71 15.36
C TRP B 356 -4.47 -6.71 16.14
N ASP B 357 -4.96 -7.67 15.34
CA ASP B 357 -5.80 -8.75 15.83
C ASP B 357 -5.16 -10.04 15.38
N PRO B 358 -4.55 -10.82 16.30
CA PRO B 358 -3.87 -12.08 16.01
C PRO B 358 -4.76 -13.24 15.57
N TYR B 359 -5.99 -13.14 16.10
CA TYR B 359 -7.00 -14.17 15.99
C TYR B 359 -7.95 -14.00 14.82
N ALA B 360 -7.88 -12.90 14.08
CA ALA B 360 -8.69 -12.74 12.86
C ALA B 360 -8.25 -13.67 11.74
N ARG B 361 -9.14 -14.32 10.98
CA ARG B 361 -8.69 -15.13 9.85
C ARG B 361 -9.31 -14.67 8.54
N GLY B 362 -8.78 -15.13 7.39
CA GLY B 362 -9.27 -14.69 6.08
C GLY B 362 -10.73 -15.02 5.86
N ALA B 363 -11.50 -14.23 5.12
CA ALA B 363 -12.90 -14.59 4.89
C ALA B 363 -13.40 -13.99 3.58
N ILE B 364 -14.38 -14.64 2.94
CA ILE B 364 -15.00 -14.10 1.74
C ILE B 364 -16.47 -13.89 2.08
N PHE B 365 -17.06 -12.79 1.62
CA PHE B 365 -18.36 -12.36 2.09
C PHE B 365 -19.32 -11.90 1.01
N GLY B 366 -20.64 -11.91 1.31
CA GLY B 366 -21.65 -11.48 0.36
C GLY B 366 -21.86 -12.44 -0.79
N LEU B 367 -21.75 -13.76 -0.63
CA LEU B 367 -21.89 -14.64 -1.80
C LEU B 367 -23.34 -15.03 -2.14
N THR B 368 -23.48 -15.13 -3.46
CA THR B 368 -24.73 -15.29 -4.20
C THR B 368 -24.43 -16.35 -5.26
N ARG B 369 -25.44 -16.98 -5.89
CA ARG B 369 -25.20 -18.03 -6.89
C ARG B 369 -24.63 -17.46 -8.18
N GLY B 370 -24.87 -16.19 -8.49
CA GLY B 370 -24.32 -15.59 -9.69
C GLY B 370 -22.89 -15.09 -9.52
N VAL B 371 -22.27 -15.24 -8.35
CA VAL B 371 -20.89 -14.83 -8.17
C VAL B 371 -19.94 -15.85 -8.76
N ASN B 372 -19.14 -15.44 -9.74
CA ASN B 372 -18.12 -16.29 -10.36
C ASN B 372 -16.70 -16.00 -9.89
N ALA B 373 -15.73 -16.70 -10.44
CA ALA B 373 -14.34 -16.59 -10.06
C ALA B 373 -13.70 -15.24 -10.33
N ASN B 374 -14.13 -14.49 -11.37
CA ASN B 374 -13.62 -13.16 -11.65
C ASN B 374 -14.06 -12.14 -10.59
N HIS B 375 -15.18 -12.36 -9.89
CA HIS B 375 -15.64 -11.51 -8.81
C HIS B 375 -14.74 -11.67 -7.61
N ILE B 376 -14.24 -12.91 -7.38
CA ILE B 376 -13.38 -13.25 -6.26
C ILE B 376 -12.01 -12.68 -6.58
N ILE B 377 -11.48 -12.90 -7.80
CA ILE B 377 -10.20 -12.34 -8.21
C ILE B 377 -10.22 -10.81 -8.08
N ARG B 378 -11.26 -10.12 -8.56
CA ARG B 378 -11.36 -8.66 -8.49
C ARG B 378 -11.46 -8.17 -7.06
N ALA B 379 -12.11 -8.94 -6.21
CA ALA B 379 -12.26 -8.59 -4.83
C ALA B 379 -10.95 -8.81 -4.07
N THR B 380 -10.05 -9.69 -4.56
CA THR B 380 -8.80 -9.92 -3.86
C THR B 380 -7.92 -8.71 -4.13
N LEU B 381 -7.88 -8.27 -5.40
CA LEU B 381 -7.19 -7.06 -5.79
C LEU B 381 -7.71 -5.79 -5.09
N GLU B 382 -9.02 -5.72 -4.89
CA GLU B 382 -9.60 -4.61 -4.15
C GLU B 382 -9.21 -4.49 -2.69
N SER B 383 -8.96 -5.59 -2.01
CA SER B 383 -8.65 -5.51 -0.60
C SER B 383 -7.26 -4.92 -0.36
N ILE B 384 -6.35 -5.02 -1.36
CA ILE B 384 -5.04 -4.42 -1.28
C ILE B 384 -5.17 -2.89 -1.15
N ALA B 385 -6.09 -2.31 -1.97
CA ALA B 385 -6.49 -0.91 -2.01
C ALA B 385 -7.23 -0.34 -0.81
N TYR B 386 -8.13 -1.14 -0.22
CA TYR B 386 -8.90 -0.78 0.95
C TYR B 386 -8.10 -0.76 2.25
N GLN B 387 -7.13 -1.70 2.31
CA GLN B 387 -6.15 -1.84 3.39
C GLN B 387 -5.20 -0.66 3.46
N THR B 388 -4.73 -0.30 2.24
CA THR B 388 -3.95 0.91 2.04
C THR B 388 -4.79 2.13 2.44
N ARG B 389 -6.14 2.17 2.21
CA ARG B 389 -6.89 3.31 2.64
C ARG B 389 -6.95 3.30 4.14
N ASP B 390 -7.13 2.15 4.80
CA ASP B 390 -7.15 2.07 6.27
C ASP B 390 -5.96 2.71 6.97
N VAL B 391 -4.73 2.38 6.55
CA VAL B 391 -3.52 2.96 7.17
C VAL B 391 -3.22 4.34 6.63
N LEU B 392 -3.58 4.76 5.40
CA LEU B 392 -3.34 6.16 4.96
C LEU B 392 -4.17 7.14 5.76
N GLU B 393 -5.42 6.75 5.98
CA GLU B 393 -6.40 7.48 6.74
C GLU B 393 -5.81 7.66 8.14
N ALA B 394 -5.05 6.65 8.62
CA ALA B 394 -4.44 6.69 9.95
C ALA B 394 -3.18 7.54 9.95
N MET B 395 -2.36 7.51 8.88
CA MET B 395 -1.16 8.29 8.76
C MET B 395 -1.48 9.76 8.77
N GLN B 396 -2.69 10.19 8.37
CA GLN B 396 -3.00 11.62 8.38
C GLN B 396 -3.46 12.07 9.75
N ALA B 397 -4.20 11.21 10.44
CA ALA B 397 -4.64 11.53 11.77
C ALA B 397 -3.44 11.61 12.72
N ASP B 398 -2.43 10.74 12.58
CA ASP B 398 -1.23 10.80 13.39
C ASP B 398 -0.30 11.98 13.07
N SER B 399 -0.10 12.23 11.77
CA SER B 399 0.70 13.35 11.30
C SER B 399 -0.10 14.63 11.40
N GLY B 400 -0.83 15.02 10.34
CA GLY B 400 -1.51 16.31 10.21
C GLY B 400 -1.47 16.69 8.73
N ILE B 401 -0.45 16.13 8.07
CA ILE B 401 -0.20 16.20 6.65
C ILE B 401 -1.35 15.54 5.89
N ARG B 402 -1.53 15.91 4.63
CA ARG B 402 -2.58 15.33 3.81
C ARG B 402 -1.84 15.08 2.51
N LEU B 403 -1.66 13.82 2.15
CA LEU B 403 -0.92 13.51 0.96
C LEU B 403 -1.80 13.90 -0.22
N HIS B 404 -1.28 14.61 -1.23
CA HIS B 404 -2.07 14.89 -2.41
C HIS B 404 -1.68 14.00 -3.58
N ALA B 405 -0.69 13.13 -3.34
CA ALA B 405 -0.24 12.10 -4.28
C ALA B 405 0.22 10.94 -3.46
N LEU B 406 0.44 9.77 -4.06
CA LEU B 406 0.94 8.62 -3.31
C LEU B 406 2.01 7.99 -4.17
N ARG B 407 3.19 7.94 -3.57
CA ARG B 407 4.35 7.37 -4.22
C ARG B 407 4.41 5.87 -3.96
N VAL B 408 4.52 5.06 -5.01
CA VAL B 408 4.49 3.63 -4.80
C VAL B 408 5.62 2.82 -5.42
N ASP B 409 5.73 1.59 -4.94
CA ASP B 409 6.70 0.68 -5.50
C ASP B 409 6.30 -0.73 -5.10
N GLY B 410 6.86 -1.73 -5.80
CA GLY B 410 6.58 -3.08 -5.43
C GLY B 410 6.34 -3.96 -6.62
N GLY B 411 5.96 -5.21 -6.36
CA GLY B 411 5.74 -6.17 -7.42
C GLY B 411 4.42 -5.91 -8.15
N ALA B 412 3.46 -5.69 -7.25
CA ALA B 412 2.07 -5.48 -7.55
C ALA B 412 1.74 -4.11 -8.13
N VAL B 413 2.71 -3.15 -8.23
CA VAL B 413 2.36 -1.86 -8.82
C VAL B 413 2.28 -1.95 -10.34
N ALA B 414 2.70 -3.06 -10.92
CA ALA B 414 2.55 -3.24 -12.34
C ALA B 414 1.12 -3.65 -12.70
N ASN B 415 0.20 -3.77 -11.73
CA ASN B 415 -1.18 -4.04 -12.01
C ASN B 415 -1.82 -2.67 -12.18
N ASN B 416 -2.17 -2.32 -13.43
CA ASN B 416 -2.75 -1.03 -13.67
C ASN B 416 -4.13 -0.87 -13.08
N PHE B 417 -4.97 -1.92 -13.10
CA PHE B 417 -6.29 -1.90 -12.47
C PHE B 417 -6.12 -1.56 -10.99
N LEU B 418 -5.32 -2.27 -10.17
CA LEU B 418 -5.05 -1.98 -8.75
C LEU B 418 -4.60 -0.56 -8.48
N MET B 419 -3.73 0.00 -9.35
CA MET B 419 -3.22 1.34 -9.12
C MET B 419 -4.34 2.33 -9.35
N GLN B 420 -5.09 2.14 -10.45
CA GLN B 420 -6.26 2.96 -10.71
C GLN B 420 -7.34 2.80 -9.65
N PHE B 421 -7.71 1.57 -9.22
CA PHE B 421 -8.72 1.37 -8.18
C PHE B 421 -8.19 2.02 -6.91
N GLN B 422 -6.88 2.00 -6.66
CA GLN B 422 -6.29 2.63 -5.48
C GLN B 422 -6.51 4.16 -5.49
N SER B 423 -6.32 4.75 -6.68
CA SER B 423 -6.57 6.15 -6.94
C SER B 423 -8.04 6.51 -6.69
N ASP B 424 -9.03 5.71 -7.14
CA ASP B 424 -10.44 6.02 -6.93
C ASP B 424 -10.93 5.87 -5.49
N ILE B 425 -10.51 4.81 -4.80
CA ILE B 425 -10.91 4.59 -3.42
C ILE B 425 -10.25 5.54 -2.42
N LEU B 426 -9.14 6.16 -2.82
CA LEU B 426 -8.41 7.09 -1.98
C LEU B 426 -8.82 8.54 -2.21
N GLY B 427 -8.95 8.85 -3.51
CA GLY B 427 -9.27 10.18 -3.95
C GLY B 427 -8.01 11.03 -4.14
N THR B 428 -6.84 10.39 -4.28
CA THR B 428 -5.58 11.09 -4.54
C THR B 428 -4.95 10.51 -5.80
N ARG B 429 -3.92 11.21 -6.29
CA ARG B 429 -3.13 10.74 -7.42
C ARG B 429 -2.19 9.66 -6.93
N VAL B 430 -1.71 8.79 -7.82
CA VAL B 430 -0.85 7.67 -7.46
C VAL B 430 0.28 7.76 -8.48
N GLU B 431 1.46 8.17 -7.98
CA GLU B 431 2.69 8.32 -8.75
C GLU B 431 3.40 7.00 -8.92
N ARG B 432 3.71 6.56 -10.13
CA ARG B 432 4.44 5.31 -10.26
C ARG B 432 5.75 5.46 -11.03
N PRO B 433 6.91 5.16 -10.42
CA PRO B 433 8.24 5.09 -11.04
C PRO B 433 8.49 4.10 -12.15
N GLU B 434 9.41 4.34 -13.09
CA GLU B 434 9.74 3.27 -14.04
C GLU B 434 10.76 2.30 -13.46
N VAL B 435 11.24 2.59 -12.24
CA VAL B 435 12.08 1.66 -11.55
C VAL B 435 11.17 1.01 -10.52
N ARG B 436 10.87 -0.26 -10.73
CA ARG B 436 10.04 -0.97 -9.77
C ARG B 436 10.83 -1.51 -8.57
N GLU B 437 12.09 -1.82 -8.89
CA GLU B 437 13.07 -2.34 -7.94
C GLU B 437 13.71 -1.36 -6.93
N VAL B 438 12.96 -0.48 -6.24
CA VAL B 438 13.62 0.52 -5.42
C VAL B 438 14.03 0.05 -4.04
N THR B 439 13.64 -1.16 -3.62
CA THR B 439 14.11 -1.72 -2.34
C THR B 439 15.60 -2.12 -2.38
N ALA B 440 15.97 -2.75 -3.50
CA ALA B 440 17.35 -3.11 -3.79
C ALA B 440 18.21 -1.86 -3.91
N LEU B 441 17.80 -0.92 -4.77
CA LEU B 441 18.44 0.36 -4.96
C LEU B 441 18.65 1.15 -3.68
N GLY B 442 17.67 1.10 -2.78
CA GLY B 442 17.78 1.80 -1.53
C GLY B 442 18.86 1.21 -0.65
N ALA B 443 19.14 -0.09 -0.84
CA ALA B 443 20.18 -0.78 -0.10
C ALA B 443 21.54 -0.61 -0.75
N ALA B 444 21.51 -0.32 -2.04
CA ALA B 444 22.74 -0.17 -2.78
C ALA B 444 23.31 1.21 -2.57
N TYR B 445 22.47 2.28 -2.60
CA TYR B 445 22.87 3.66 -2.33
C TYR B 445 23.46 3.77 -0.95
N LEU B 446 22.80 3.01 -0.06
CA LEU B 446 23.21 2.83 1.31
C LEU B 446 24.62 2.24 1.34
N ALA B 447 25.00 1.28 0.47
CA ALA B 447 26.36 0.71 0.38
C ALA B 447 27.42 1.56 -0.34
N GLY B 448 26.97 2.24 -1.40
CA GLY B 448 27.79 3.09 -2.23
C GLY B 448 28.26 4.26 -1.39
N LEU B 449 27.35 4.79 -0.57
CA LEU B 449 27.60 5.87 0.36
C LEU B 449 28.82 5.55 1.19
N ALA B 450 28.77 4.47 2.00
CA ALA B 450 29.85 4.12 2.90
C ALA B 450 31.17 3.87 2.21
N VAL B 451 31.08 3.31 1.02
CA VAL B 451 32.28 2.91 0.31
C VAL B 451 32.83 4.01 -0.61
N GLY B 452 32.34 5.24 -0.40
CA GLY B 452 32.75 6.40 -1.15
C GLY B 452 32.36 6.35 -2.61
N PHE B 453 31.59 5.35 -3.08
CA PHE B 453 31.13 5.23 -4.46
C PHE B 453 30.18 6.35 -4.90
N TRP B 454 29.44 7.04 -4.00
CA TRP B 454 28.52 8.06 -4.50
C TRP B 454 28.52 9.45 -3.91
N GLN B 455 28.89 9.60 -2.63
CA GLN B 455 28.91 10.91 -1.98
C GLN B 455 27.57 11.65 -1.94
N ASN B 456 26.54 10.89 -1.53
CA ASN B 456 25.14 11.32 -1.33
C ASN B 456 24.19 11.64 -2.48
N LEU B 457 22.94 11.60 -2.02
CA LEU B 457 21.74 11.50 -2.85
C LEU B 457 21.39 12.39 -4.03
N ASP B 458 21.99 13.58 -4.09
CA ASP B 458 21.76 14.50 -5.20
C ASP B 458 22.34 14.01 -6.52
N GLU B 459 23.32 13.09 -6.44
CA GLU B 459 23.85 12.45 -7.63
C GLU B 459 22.89 11.35 -8.13
N LEU B 460 21.88 11.05 -7.28
CA LEU B 460 20.85 10.08 -7.62
C LEU B 460 19.44 10.69 -7.72
N GLN B 461 19.27 12.02 -7.52
CA GLN B 461 17.94 12.63 -7.66
C GLN B 461 17.36 12.49 -9.06
N GLU B 462 18.19 12.70 -10.08
CA GLU B 462 17.79 12.63 -11.49
C GLU B 462 17.78 11.18 -12.00
N LYS B 463 16.85 10.43 -11.40
CA LYS B 463 16.61 9.02 -11.68
C LYS B 463 15.27 8.60 -11.07
N ALA B 464 14.58 9.58 -10.47
CA ALA B 464 13.26 9.43 -9.93
C ALA B 464 12.32 10.09 -10.94
N VAL B 465 12.22 9.37 -12.05
CA VAL B 465 11.24 9.69 -13.07
C VAL B 465 9.95 9.07 -12.52
N ILE B 466 8.79 9.73 -12.59
CA ILE B 466 7.58 9.12 -12.08
C ILE B 466 6.61 8.78 -13.23
N GLU B 467 7.17 7.81 -13.96
CA GLU B 467 6.65 7.16 -15.16
C GLU B 467 5.16 7.19 -15.50
N ARG B 468 4.28 6.67 -14.65
CA ARG B 468 2.85 6.76 -14.91
C ARG B 468 2.23 7.43 -13.72
N GLU B 469 1.20 8.23 -13.98
CA GLU B 469 0.47 8.88 -12.91
C GLU B 469 -1.02 8.48 -13.00
N PHE B 470 -1.63 8.25 -11.84
CA PHE B 470 -2.98 7.77 -11.79
C PHE B 470 -3.81 8.78 -11.05
N ARG B 471 -4.83 9.33 -11.72
CA ARG B 471 -5.69 10.32 -11.09
C ARG B 471 -7.07 9.72 -10.85
N PRO B 472 -7.85 10.15 -9.86
CA PRO B 472 -9.23 9.71 -9.69
C PRO B 472 -10.20 9.95 -10.85
N GLY B 473 -10.59 8.86 -11.51
CA GLY B 473 -11.59 8.93 -12.56
C GLY B 473 -12.98 9.21 -11.98
N ILE B 474 -14.08 9.05 -12.73
CA ILE B 474 -15.38 9.43 -12.17
C ILE B 474 -15.91 8.40 -11.20
N GLU B 475 -15.28 7.22 -11.09
CA GLU B 475 -15.79 6.24 -10.15
C GLU B 475 -15.43 6.56 -8.70
N THR B 476 -14.57 7.55 -8.45
CA THR B 476 -14.17 7.91 -7.09
C THR B 476 -15.33 8.44 -6.25
N THR B 477 -16.49 8.59 -6.90
CA THR B 477 -17.71 9.02 -6.24
C THR B 477 -18.30 7.81 -5.52
N GLU B 478 -18.05 6.55 -5.93
CA GLU B 478 -18.43 5.35 -5.16
C GLU B 478 -17.57 5.08 -3.92
N ARG B 479 -16.31 5.56 -3.91
CA ARG B 479 -15.33 5.60 -2.82
C ARG B 479 -15.75 5.16 -1.44
N ASN B 480 -16.68 5.91 -0.86
CA ASN B 480 -17.14 5.70 0.49
C ASN B 480 -18.15 4.60 0.67
N TYR B 481 -19.01 4.43 -0.35
CA TYR B 481 -20.00 3.37 -0.34
C TYR B 481 -19.27 2.05 -0.41
N ARG B 482 -18.33 1.96 -1.38
CA ARG B 482 -17.50 0.77 -1.52
C ARG B 482 -16.73 0.50 -0.23
N TYR B 483 -16.12 1.54 0.36
CA TYR B 483 -15.36 1.36 1.57
C TYR B 483 -16.18 1.04 2.81
N ALA B 484 -17.47 1.36 2.89
CA ALA B 484 -18.23 1.05 4.08
C ALA B 484 -18.62 -0.42 4.14
N GLY B 485 -18.62 -1.07 2.96
CA GLY B 485 -18.84 -2.48 2.84
C GLY B 485 -17.61 -3.25 3.27
N TRP B 486 -16.40 -2.72 2.95
CA TRP B 486 -15.12 -3.26 3.43
C TRP B 486 -15.07 -3.16 4.95
N LYS B 487 -15.46 -2.02 5.51
CA LYS B 487 -15.47 -1.82 6.96
C LYS B 487 -16.37 -2.75 7.72
N LYS B 488 -17.60 -3.04 7.27
CA LYS B 488 -18.39 -4.02 8.02
C LYS B 488 -17.96 -5.48 7.78
N ALA B 489 -17.27 -5.74 6.66
CA ALA B 489 -16.65 -7.03 6.39
C ALA B 489 -15.52 -7.38 7.34
N VAL B 490 -14.65 -6.43 7.71
CA VAL B 490 -13.51 -6.67 8.57
C VAL B 490 -13.98 -7.02 9.97
N LYS B 491 -14.93 -6.26 10.54
CA LYS B 491 -15.57 -6.57 11.81
C LYS B 491 -15.87 -8.06 11.97
N ARG B 492 -16.41 -8.68 10.92
CA ARG B 492 -16.80 -10.07 10.99
C ARG B 492 -15.69 -11.09 10.80
N ALA B 493 -14.53 -10.70 10.24
CA ALA B 493 -13.40 -11.63 10.20
C ALA B 493 -12.59 -11.52 11.50
N MET B 494 -12.79 -10.48 12.30
CA MET B 494 -12.12 -10.28 13.58
C MET B 494 -12.47 -11.28 14.66
N ALA B 495 -11.41 -11.67 15.38
CA ALA B 495 -11.47 -12.63 16.48
C ALA B 495 -12.23 -13.93 16.14
N TRP B 496 -11.77 -14.57 15.07
CA TRP B 496 -12.32 -15.83 14.65
C TRP B 496 -11.74 -16.91 15.55
N GLU B 497 -10.41 -17.03 15.57
CA GLU B 497 -9.69 -18.00 16.40
C GLU B 497 -10.04 -17.80 17.85
N GLU B 498 -10.38 -18.91 18.48
CA GLU B 498 -10.81 -18.82 19.85
C GLU B 498 -9.63 -18.91 20.79
N HIS B 499 -9.75 -18.09 21.83
CA HIS B 499 -8.75 -18.05 22.89
C HIS B 499 -9.35 -17.54 24.21
#